data_3L8C
#
_entry.id   3L8C
#
_cell.length_a   89.024
_cell.length_b   153.736
_cell.length_c   84.794
_cell.angle_alpha   90.000
_cell.angle_beta   90.000
_cell.angle_gamma   90.000
#
_symmetry.space_group_name_H-M   'P 21 21 2'
#
loop_
_entity.id
_entity.type
_entity.pdbx_description
1 polymer 'D-alanine--poly(phosphoribitol) ligase subunit 1'
2 water water
#
_entity_poly.entity_id   1
_entity_poly.type   'polypeptide(L)'
_entity_poly.pdbx_seq_one_letter_code
;MSLKDMIDSIEQFAQTQADFPVYDCLGERRTYGQLKRDSDSIAAFIDSLALLAKSPVLVFGAQTYDMLATFVALTKSGHA
YIPVDVHSAPERILAIIEIAKPSLIIAIEEFPLTIEGISLVSLSEIESAKLAEMPYERTHSVKGDDNYYIIFTSGTTGQP
KGVQISHDNLLSFTNWMIEDAAFDVPKQPQMLAQPPYSFDLSVMYWAPTLALGGTLFALPKELVADFKQLFTTIAQLPVG
IWTSTPSFADMAMLSDDFCQAKMPALTHFYFDGEELTVSTARKLFERFPSAKIINAYGPTEATVALSAIEITREMVDNYT
RLPIGYPKPDSPTYIIDEDGKELSSGEQGEIIVTGPAVSKGYLNNPEKTAEAFFTFKGQPAYHTGDIGSLTEDNILLYGG
RLDFQIKYAGYRIELEDVSQQLNQSPMVASAVAVPRYNKEHKVQNLLAYIVVKDGVKERFDRELELTKAIKASVKDHMMS
YMMPSKFLYRDSLPLTPNGKIDIKTLINEVNNREGHHHHHH
;
_entity_poly.pdbx_strand_id   A,B
#
# COMPACT_ATOMS: atom_id res chain seq x y z
N SER A 2 -9.30 -27.95 20.96
CA SER A 2 -9.83 -26.69 20.37
C SER A 2 -8.86 -25.50 20.55
N LEU A 3 -8.26 -25.05 19.44
CA LEU A 3 -7.31 -23.94 19.41
C LEU A 3 -7.94 -22.60 19.80
N LYS A 4 -7.19 -21.76 20.52
CA LYS A 4 -7.77 -20.56 21.07
C LYS A 4 -7.12 -19.30 20.55
N ASP A 5 -5.85 -19.42 20.17
CA ASP A 5 -5.04 -18.29 19.70
C ASP A 5 -3.81 -18.84 18.94
N MET A 6 -3.60 -18.44 17.70
CA MET A 6 -2.48 -19.00 16.92
C MET A 6 -1.13 -18.72 17.59
N ILE A 7 -0.97 -17.51 18.09
CA ILE A 7 0.27 -17.11 18.75
C ILE A 7 0.52 -17.85 20.07
N ASP A 8 -0.44 -17.85 20.99
CA ASP A 8 -0.39 -18.72 22.18
C ASP A 8 0.14 -20.10 21.83
N SER A 9 -0.42 -20.72 20.78
CA SER A 9 0.10 -22.02 20.34
C SER A 9 1.59 -22.08 20.03
N ILE A 10 2.09 -21.16 19.22
CA ILE A 10 3.49 -21.32 18.83
C ILE A 10 4.36 -20.97 20.01
N GLU A 11 3.88 -20.05 20.84
CA GLU A 11 4.50 -19.68 22.10
C GLU A 11 4.68 -20.91 23.02
N GLN A 12 3.65 -21.73 23.16
CA GLN A 12 3.79 -22.97 23.94
C GLN A 12 4.87 -23.85 23.35
N PHE A 13 4.78 -24.11 22.06
CA PHE A 13 5.73 -25.00 21.44
C PHE A 13 7.12 -24.47 21.63
N ALA A 14 7.24 -23.17 21.87
CA ALA A 14 8.55 -22.59 22.16
C ALA A 14 9.05 -23.02 23.54
N GLN A 15 8.15 -23.10 24.54
CA GLN A 15 8.46 -23.70 25.84
C GLN A 15 8.63 -25.23 25.79
N THR A 16 7.72 -25.89 25.08
CA THR A 16 7.49 -27.34 25.08
C THR A 16 8.42 -28.17 24.19
N GLN A 17 8.87 -27.61 23.06
CA GLN A 17 9.69 -28.31 22.08
C GLN A 17 10.59 -27.29 21.41
N ALA A 18 11.29 -26.52 22.23
CA ALA A 18 12.10 -25.42 21.81
C ALA A 18 13.01 -25.73 20.63
N ASP A 19 13.62 -26.90 20.65
CA ASP A 19 14.63 -27.24 19.66
C ASP A 19 14.04 -28.10 18.55
N PHE A 20 12.71 -28.30 18.54
CA PHE A 20 12.07 -28.92 17.38
C PHE A 20 11.96 -27.90 16.19
N PRO A 21 12.27 -28.35 14.96
CA PRO A 21 12.31 -27.50 13.77
C PRO A 21 10.92 -27.07 13.31
N VAL A 22 10.72 -25.76 13.20
CA VAL A 22 9.49 -25.23 12.62
C VAL A 22 9.65 -24.97 11.15
N TYR A 23 10.89 -24.78 10.71
CA TYR A 23 11.21 -24.42 9.35
C TYR A 23 12.44 -25.16 8.86
N ASP A 24 12.40 -25.61 7.62
CA ASP A 24 13.54 -26.24 7.00
C ASP A 24 13.62 -25.81 5.53
N CYS A 25 14.72 -25.21 5.13
CA CYS A 25 14.95 -24.95 3.70
C CYS A 25 16.16 -25.68 3.12
N LEU A 26 15.86 -26.84 2.54
CA LEU A 26 16.86 -27.81 2.06
C LEU A 26 17.92 -28.22 3.10
N GLY A 27 17.65 -27.96 4.37
CA GLY A 27 18.57 -28.38 5.40
C GLY A 27 18.85 -27.29 6.38
N GLU A 28 18.78 -26.02 5.98
CA GLU A 28 18.96 -24.97 6.98
C GLU A 28 17.69 -24.85 7.82
N ARG A 29 17.80 -25.13 9.11
CA ARG A 29 16.62 -25.27 9.93
C ARG A 29 16.52 -24.17 10.93
N ARG A 30 15.29 -23.87 11.34
CA ARG A 30 15.03 -22.97 12.45
C ARG A 30 13.99 -23.65 13.35
N THR A 31 14.04 -23.31 14.65
CA THR A 31 13.30 -24.06 15.66
C THR A 31 12.21 -23.19 16.27
N TYR A 32 11.29 -23.82 16.99
CA TYR A 32 10.24 -23.10 17.69
C TYR A 32 10.77 -22.04 18.68
N GLY A 33 11.90 -22.34 19.34
CA GLY A 33 12.57 -21.41 20.27
C GLY A 33 13.11 -20.22 19.53
N GLN A 34 13.72 -20.45 18.37
CA GLN A 34 14.25 -19.34 17.57
C GLN A 34 13.08 -18.51 17.01
N LEU A 35 12.03 -19.18 16.55
CA LEU A 35 10.87 -18.47 16.04
C LEU A 35 10.35 -17.50 17.08
N LYS A 36 10.19 -17.97 18.32
CA LYS A 36 9.76 -17.08 19.41
C LYS A 36 10.67 -15.87 19.64
N ARG A 37 11.99 -16.07 19.75
CA ARG A 37 12.92 -14.94 19.99
C ARG A 37 13.01 -14.03 18.80
N ASP A 38 13.19 -14.60 17.61
CA ASP A 38 13.22 -13.81 16.39
C ASP A 38 11.98 -12.91 16.25
N SER A 39 10.79 -13.50 16.42
CA SER A 39 9.57 -12.77 16.26
C SER A 39 9.32 -11.83 17.40
N ASP A 40 9.72 -12.22 18.62
CA ASP A 40 9.65 -11.26 19.75
C ASP A 40 10.48 -10.01 19.45
N SER A 41 11.63 -10.19 18.82
CA SER A 41 12.53 -9.03 18.61
C SER A 41 12.11 -8.15 17.45
N ILE A 42 11.54 -8.77 16.43
CA ILE A 42 10.98 -8.01 15.31
C ILE A 42 9.78 -7.25 15.80
N ALA A 43 8.92 -7.89 16.59
CA ALA A 43 7.81 -7.20 17.21
C ALA A 43 8.30 -5.91 17.90
N ALA A 44 9.38 -6.03 18.68
CA ALA A 44 9.92 -4.89 19.43
C ALA A 44 10.32 -3.76 18.49
N PHE A 45 11.02 -4.12 17.43
CA PHE A 45 11.40 -3.20 16.37
C PHE A 45 10.17 -2.57 15.70
N ILE A 46 9.13 -3.37 15.43
CA ILE A 46 7.91 -2.81 14.87
C ILE A 46 7.27 -1.78 15.80
N ASP A 47 7.01 -2.16 17.04
CA ASP A 47 6.49 -1.19 17.99
C ASP A 47 7.37 0.09 18.00
N SER A 48 8.70 -0.03 17.98
CA SER A 48 9.51 1.19 18.07
C SER A 48 9.31 2.13 16.85
N LEU A 49 8.75 1.60 15.76
CA LEU A 49 8.57 2.45 14.58
C LEU A 49 7.40 3.38 14.75
N ALA A 50 6.61 3.13 15.78
CA ALA A 50 5.50 3.99 16.15
C ALA A 50 4.51 4.21 14.99
N LEU A 51 4.18 3.12 14.32
CA LEU A 51 3.11 3.06 13.34
C LEU A 51 1.78 3.20 13.99
N LEU A 52 0.79 3.60 13.20
CA LEU A 52 -0.55 3.78 13.73
C LEU A 52 -1.10 2.44 14.18
N ALA A 53 -1.87 2.46 15.25
CA ALA A 53 -2.29 1.24 15.89
C ALA A 53 -3.04 0.45 14.86
N LYS A 54 -2.73 -0.85 14.73
CA LYS A 54 -3.60 -1.77 13.99
C LYS A 54 -3.57 -1.56 12.50
N SER A 55 -2.64 -0.75 12.01
CA SER A 55 -2.47 -0.52 10.59
C SER A 55 -1.89 -1.76 9.91
N PRO A 56 -2.30 -2.05 8.67
CA PRO A 56 -1.72 -3.19 7.99
C PRO A 56 -0.35 -2.88 7.46
N VAL A 57 0.43 -3.93 7.28
CA VAL A 57 1.80 -3.81 6.84
C VAL A 57 2.02 -4.81 5.71
N LEU A 58 2.63 -4.31 4.64
CA LEU A 58 2.84 -5.07 3.43
C LEU A 58 4.16 -5.79 3.57
N VAL A 59 4.17 -7.10 3.40
CA VAL A 59 5.38 -7.89 3.56
C VAL A 59 5.71 -8.56 2.24
N PHE A 60 6.81 -8.10 1.63
CA PHE A 60 7.13 -8.49 0.27
C PHE A 60 8.29 -9.45 0.28
N GLY A 61 8.07 -10.65 -0.23
CA GLY A 61 9.15 -11.63 -0.32
C GLY A 61 8.72 -12.96 -0.90
N ALA A 62 9.56 -13.95 -0.71
CA ALA A 62 9.29 -15.28 -1.24
C ALA A 62 8.82 -16.13 -0.07
N GLN A 63 9.50 -17.23 0.23
CA GLN A 63 9.08 -18.17 1.26
C GLN A 63 10.20 -18.51 2.25
N THR A 64 11.09 -17.55 2.50
CA THR A 64 12.14 -17.79 3.48
C THR A 64 11.58 -17.71 4.91
N TYR A 65 12.41 -18.12 5.86
CA TYR A 65 12.12 -18.11 7.27
C TYR A 65 11.75 -16.72 7.74
N ASP A 66 12.42 -15.71 7.19
CA ASP A 66 12.11 -14.34 7.62
C ASP A 66 10.70 -13.86 7.29
N MET A 67 10.09 -14.46 6.27
CA MET A 67 8.71 -14.16 5.96
C MET A 67 7.85 -14.54 7.17
N LEU A 68 7.95 -15.79 7.62
CA LEU A 68 7.19 -16.27 8.75
C LEU A 68 7.49 -15.54 10.07
N ALA A 69 8.77 -15.27 10.33
CA ALA A 69 9.17 -14.60 11.57
C ALA A 69 8.54 -13.24 11.59
N THR A 70 8.56 -12.61 10.43
CA THR A 70 7.95 -11.30 10.30
C THR A 70 6.45 -11.40 10.49
N PHE A 71 5.79 -12.38 9.87
CA PHE A 71 4.32 -12.45 10.01
C PHE A 71 3.96 -12.53 11.47
N VAL A 72 4.66 -13.43 12.18
CA VAL A 72 4.38 -13.69 13.62
C VAL A 72 4.63 -12.42 14.40
N ALA A 73 5.75 -11.73 14.12
CA ALA A 73 5.98 -10.42 14.77
C ALA A 73 4.87 -9.39 14.53
N LEU A 74 4.25 -9.41 13.33
CA LEU A 74 3.18 -8.43 13.09
C LEU A 74 1.92 -8.77 13.87
N THR A 75 1.60 -10.06 13.91
CA THR A 75 0.47 -10.53 14.68
C THR A 75 0.66 -10.17 16.17
N LYS A 76 1.85 -10.50 16.70
CA LYS A 76 2.22 -10.14 18.09
C LYS A 76 2.01 -8.67 18.39
N SER A 77 2.37 -7.81 17.45
CA SER A 77 2.32 -6.39 17.70
C SER A 77 1.06 -5.74 17.12
N GLY A 78 0.06 -6.56 16.78
CA GLY A 78 -1.27 -6.01 16.47
C GLY A 78 -1.40 -5.51 15.04
N HIS A 79 -0.61 -6.06 14.12
CA HIS A 79 -0.72 -5.65 12.75
C HIS A 79 -1.08 -6.83 11.85
N ALA A 80 -2.10 -6.58 11.01
CA ALA A 80 -2.39 -7.46 9.89
C ALA A 80 -1.24 -7.34 8.93
N TYR A 81 -0.88 -8.46 8.34
CA TYR A 81 0.08 -8.44 7.27
C TYR A 81 -0.55 -8.72 5.90
N ILE A 82 -0.03 -8.02 4.90
CA ILE A 82 -0.40 -8.22 3.50
C ILE A 82 0.77 -8.87 2.76
N PRO A 83 0.68 -10.17 2.51
CA PRO A 83 1.76 -10.90 1.86
C PRO A 83 1.70 -10.72 0.34
N VAL A 84 2.83 -10.31 -0.22
CA VAL A 84 2.95 -10.03 -1.63
C VAL A 84 4.18 -10.78 -2.09
N ASP A 85 4.00 -11.57 -3.14
CA ASP A 85 5.02 -12.48 -3.55
C ASP A 85 5.99 -11.78 -4.48
N VAL A 86 7.23 -12.28 -4.45
CA VAL A 86 8.36 -11.70 -5.15
C VAL A 86 8.08 -11.62 -6.65
N HIS A 87 7.18 -12.47 -7.14
CA HIS A 87 6.98 -12.48 -8.59
C HIS A 87 5.82 -11.64 -9.11
N SER A 88 5.09 -10.99 -8.21
CA SER A 88 3.91 -10.34 -8.65
C SER A 88 4.25 -9.10 -9.51
N ALA A 89 3.37 -8.77 -10.44
CA ALA A 89 3.63 -7.66 -11.33
C ALA A 89 3.62 -6.35 -10.53
N PRO A 90 4.57 -5.45 -10.82
CA PRO A 90 4.71 -4.14 -10.17
C PRO A 90 3.42 -3.32 -10.19
N GLU A 91 2.59 -3.54 -11.20
CA GLU A 91 1.31 -2.85 -11.27
C GLU A 91 0.38 -3.44 -10.25
N ARG A 92 0.50 -4.75 -10.00
CA ARG A 92 -0.31 -5.39 -8.98
C ARG A 92 0.10 -4.85 -7.60
N ILE A 93 1.41 -4.81 -7.36
CA ILE A 93 1.97 -4.32 -6.11
C ILE A 93 1.50 -2.89 -5.85
N LEU A 94 1.59 -2.07 -6.88
CA LEU A 94 1.20 -0.68 -6.80
C LEU A 94 -0.29 -0.57 -6.50
N ALA A 95 -1.12 -1.35 -7.21
CA ALA A 95 -2.54 -1.40 -6.94
C ALA A 95 -2.87 -1.86 -5.50
N ILE A 96 -2.21 -2.93 -5.07
CA ILE A 96 -2.36 -3.39 -3.70
C ILE A 96 -2.06 -2.25 -2.73
N ILE A 97 -0.97 -1.54 -2.97
CA ILE A 97 -0.59 -0.44 -2.11
C ILE A 97 -1.63 0.70 -2.13
N GLU A 98 -2.28 0.96 -3.28
CA GLU A 98 -3.29 2.04 -3.32
C GLU A 98 -4.52 1.63 -2.50
N ILE A 99 -4.89 0.36 -2.58
CA ILE A 99 -6.10 -0.11 -1.94
C ILE A 99 -5.87 -0.28 -0.46
N ALA A 100 -4.88 -1.11 -0.13
CA ALA A 100 -4.55 -1.33 1.25
C ALA A 100 -3.76 -0.09 1.52
N LYS A 101 -3.84 0.45 2.69
CA LYS A 101 -2.98 1.64 2.75
C LYS A 101 -2.01 1.36 3.86
N PRO A 102 -1.02 0.49 3.56
CA PRO A 102 -0.19 -0.08 4.63
C PRO A 102 0.57 1.06 5.28
N SER A 103 0.84 0.91 6.57
CA SER A 103 1.65 1.95 7.20
C SER A 103 3.14 1.69 6.95
N LEU A 104 3.51 0.50 6.45
CA LEU A 104 4.90 0.12 6.37
C LEU A 104 5.07 -0.94 5.30
N ILE A 105 6.22 -0.98 4.65
CA ILE A 105 6.51 -2.03 3.70
C ILE A 105 7.76 -2.73 4.23
N ILE A 106 7.67 -4.04 4.43
CA ILE A 106 8.80 -4.83 4.83
C ILE A 106 9.23 -5.61 3.63
N ALA A 107 10.30 -5.17 2.98
CA ALA A 107 10.84 -5.81 1.79
C ALA A 107 11.81 -6.87 2.20
N ILE A 108 11.35 -8.10 2.32
CA ILE A 108 12.24 -9.18 2.75
C ILE A 108 13.06 -9.71 1.57
N GLU A 109 12.51 -9.58 0.37
CA GLU A 109 13.27 -9.60 -0.89
C GLU A 109 13.32 -8.15 -1.39
N GLU A 110 14.26 -7.88 -2.28
CA GLU A 110 14.54 -6.51 -2.74
C GLU A 110 13.32 -5.89 -3.39
N PHE A 111 12.84 -4.80 -2.83
CA PHE A 111 11.61 -4.22 -3.31
C PHE A 111 11.79 -3.68 -4.74
N PRO A 112 10.89 -4.02 -5.66
CA PRO A 112 11.26 -3.64 -7.02
C PRO A 112 10.81 -2.23 -7.40
N LEU A 113 10.24 -1.49 -6.45
CA LEU A 113 9.64 -0.16 -6.68
C LEU A 113 10.12 0.91 -5.71
N THR A 114 9.89 2.18 -6.05
CA THR A 114 9.96 3.23 -5.05
C THR A 114 8.57 3.85 -4.85
N ILE A 115 8.11 3.85 -3.60
CA ILE A 115 6.79 4.35 -3.21
C ILE A 115 6.97 5.40 -2.13
N GLU A 116 6.87 6.66 -2.51
CA GLU A 116 7.03 7.72 -1.54
C GLU A 116 5.72 7.85 -0.77
N GLY A 117 5.84 8.16 0.51
CA GLY A 117 4.68 8.42 1.37
C GLY A 117 4.47 7.32 2.37
N ILE A 118 5.20 6.20 2.21
CA ILE A 118 5.11 5.05 3.09
C ILE A 118 6.48 4.59 3.61
N SER A 119 6.55 4.26 4.89
CA SER A 119 7.76 3.77 5.52
C SER A 119 8.20 2.47 4.90
N LEU A 120 9.49 2.38 4.66
CA LEU A 120 10.02 1.17 4.08
C LEU A 120 11.26 0.73 4.82
N VAL A 121 11.28 -0.57 5.08
CA VAL A 121 12.31 -1.22 5.84
C VAL A 121 12.72 -2.44 5.01
N SER A 122 13.99 -2.83 5.04
CA SER A 122 14.46 -4.03 4.30
C SER A 122 14.92 -5.20 5.16
N LEU A 123 15.38 -6.25 4.50
CA LEU A 123 15.84 -7.43 5.18
C LEU A 123 16.86 -7.06 6.25
N SER A 124 17.79 -6.17 5.92
CA SER A 124 18.86 -5.85 6.90
C SER A 124 18.31 -5.35 8.22
N GLU A 125 17.24 -4.53 8.19
CA GLU A 125 16.59 -4.09 9.42
C GLU A 125 16.03 -5.26 10.20
N ILE A 126 15.44 -6.23 9.50
CA ILE A 126 14.83 -7.37 10.15
C ILE A 126 15.92 -8.24 10.80
N GLU A 127 16.93 -8.59 10.01
CA GLU A 127 18.07 -9.34 10.52
C GLU A 127 18.74 -8.58 11.70
N SER A 128 18.88 -7.27 11.59
CA SER A 128 19.48 -6.49 12.66
C SER A 128 18.61 -6.52 13.92
N ALA A 129 17.28 -6.48 13.74
CA ALA A 129 16.38 -6.68 14.86
C ALA A 129 16.48 -8.10 15.48
N LYS A 130 16.56 -9.12 14.64
CA LYS A 130 16.71 -10.47 15.15
C LYS A 130 18.01 -10.58 15.93
N LEU A 131 19.08 -10.01 15.39
CA LEU A 131 20.40 -10.11 16.02
C LEU A 131 20.42 -9.39 17.36
N ALA A 132 19.56 -8.38 17.52
CA ALA A 132 19.49 -7.60 18.78
C ALA A 132 18.77 -8.31 19.92
N GLU A 133 17.97 -9.33 19.61
CA GLU A 133 17.31 -10.19 20.61
C GLU A 133 16.55 -9.41 21.68
N MET A 134 15.78 -8.42 21.27
CA MET A 134 15.04 -7.65 22.24
C MET A 134 13.91 -8.49 22.89
N PRO A 135 13.47 -8.11 24.10
CA PRO A 135 12.37 -8.86 24.70
C PRO A 135 11.02 -8.34 24.23
N TYR A 136 10.00 -9.19 24.29
CA TYR A 136 8.66 -8.72 23.93
C TYR A 136 7.54 -9.27 24.79
N GLU A 137 6.70 -8.33 25.25
CA GLU A 137 5.46 -8.67 25.94
C GLU A 137 4.26 -8.26 25.08
N ARG A 138 3.36 -9.21 24.82
CA ARG A 138 2.18 -8.97 24.01
C ARG A 138 1.14 -8.22 24.79
N THR A 139 0.93 -6.96 24.44
CA THR A 139 -0.07 -6.13 25.12
C THR A 139 -1.22 -5.80 24.18
N HIS A 140 -0.91 -5.80 22.87
CA HIS A 140 -1.88 -5.41 21.84
C HIS A 140 -1.82 -6.27 20.56
N SER A 141 -1.68 -7.59 20.73
CA SER A 141 -1.69 -8.57 19.63
C SER A 141 -2.99 -8.55 18.85
N VAL A 142 -3.01 -9.14 17.64
CA VAL A 142 -4.31 -9.24 16.98
C VAL A 142 -5.14 -10.33 17.64
N LYS A 143 -6.37 -9.99 18.01
CA LYS A 143 -7.27 -10.94 18.64
C LYS A 143 -8.65 -10.75 18.05
N GLY A 144 -9.48 -11.80 18.11
CA GLY A 144 -10.90 -11.71 17.72
C GLY A 144 -11.14 -11.28 16.26
N ASP A 145 -11.93 -10.24 16.12
CA ASP A 145 -12.30 -9.74 14.83
C ASP A 145 -11.30 -8.84 14.16
N ASP A 146 -10.21 -8.54 14.83
CA ASP A 146 -9.10 -7.82 14.18
C ASP A 146 -8.54 -8.61 12.99
N ASN A 147 -8.26 -7.91 11.89
CA ASN A 147 -7.56 -8.52 10.79
C ASN A 147 -6.26 -9.23 11.21
N TYR A 148 -6.12 -10.49 10.77
CA TYR A 148 -4.91 -11.26 10.89
C TYR A 148 -4.09 -11.12 9.63
N TYR A 149 -4.70 -11.42 8.48
CA TYR A 149 -4.01 -11.14 7.24
C TYR A 149 -4.96 -10.55 6.24
N ILE A 150 -4.40 -9.90 5.21
CA ILE A 150 -5.16 -9.45 4.07
C ILE A 150 -4.58 -10.08 2.83
N ILE A 151 -5.36 -10.92 2.16
CA ILE A 151 -4.91 -11.52 0.92
C ILE A 151 -5.63 -10.95 -0.30
N PHE A 152 -4.86 -10.62 -1.32
CA PHE A 152 -5.44 -10.06 -2.49
C PHE A 152 -5.74 -11.12 -3.50
N THR A 153 -6.95 -11.00 -4.02
CA THR A 153 -7.51 -11.87 -5.03
C THR A 153 -6.87 -11.63 -6.39
N SER A 154 -7.26 -12.42 -7.40
CA SER A 154 -6.77 -12.21 -8.78
C SER A 154 -7.80 -11.58 -9.76
N GLY A 158 -9.13 -9.62 -13.77
CA GLY A 158 -10.18 -8.65 -13.41
C GLY A 158 -9.61 -7.36 -12.83
N GLN A 159 -9.58 -7.29 -11.48
CA GLN A 159 -8.85 -6.25 -10.71
C GLN A 159 -8.92 -6.54 -9.15
N PRO A 160 -7.80 -6.31 -8.41
CA PRO A 160 -7.53 -7.03 -7.14
C PRO A 160 -8.35 -6.56 -5.97
N LYS A 161 -8.75 -7.47 -5.10
CA LYS A 161 -9.53 -7.12 -3.93
C LYS A 161 -8.90 -7.72 -2.72
N GLY A 162 -9.02 -7.00 -1.61
CA GLY A 162 -8.29 -7.35 -0.42
C GLY A 162 -9.20 -8.03 0.56
N VAL A 163 -9.06 -9.35 0.68
CA VAL A 163 -9.85 -10.13 1.60
C VAL A 163 -9.26 -10.08 3.03
N GLN A 164 -10.06 -9.59 3.97
CA GLN A 164 -9.71 -9.46 5.39
C GLN A 164 -10.00 -10.71 6.17
N ILE A 165 -8.96 -11.40 6.62
CA ILE A 165 -9.21 -12.59 7.46
C ILE A 165 -8.87 -12.25 8.87
N SER A 166 -9.83 -12.41 9.78
CA SER A 166 -9.61 -12.08 11.20
C SER A 166 -8.95 -13.26 11.89
N HIS A 167 -8.36 -13.00 13.06
CA HIS A 167 -7.93 -14.08 13.93
C HIS A 167 -9.07 -15.12 14.14
N ASP A 168 -10.29 -14.67 14.43
CA ASP A 168 -11.44 -15.59 14.60
C ASP A 168 -11.73 -16.31 13.26
N ASN A 169 -11.75 -15.60 12.12
CA ASN A 169 -11.89 -16.30 10.85
C ASN A 169 -10.88 -17.44 10.83
N LEU A 170 -9.62 -17.14 11.13
CA LEU A 170 -8.51 -18.08 10.92
C LEU A 170 -8.65 -19.31 11.78
N LEU A 171 -9.09 -19.09 13.01
CA LEU A 171 -9.17 -20.15 14.01
C LEU A 171 -10.24 -21.13 13.62
N SER A 172 -11.29 -20.62 13.00
CA SER A 172 -12.39 -21.46 12.55
C SER A 172 -11.92 -22.39 11.44
N PHE A 173 -11.18 -21.86 10.44
CA PHE A 173 -10.56 -22.74 9.43
C PHE A 173 -9.65 -23.75 10.12
N THR A 174 -8.72 -23.27 10.95
CA THR A 174 -7.67 -24.15 11.46
C THR A 174 -8.20 -25.27 12.38
N ASN A 175 -9.12 -24.91 13.28
CA ASN A 175 -9.72 -25.83 14.20
C ASN A 175 -10.46 -26.96 13.48
N TRP A 176 -11.20 -26.62 12.44
CA TRP A 176 -11.82 -27.64 11.59
C TRP A 176 -10.79 -28.58 10.96
N MET A 177 -9.75 -27.98 10.40
CA MET A 177 -8.82 -28.73 9.58
C MET A 177 -8.14 -29.79 10.42
N ILE A 178 -7.69 -29.42 11.62
CA ILE A 178 -6.94 -30.38 12.46
C ILE A 178 -7.82 -31.44 13.15
N GLU A 179 -9.14 -31.20 13.17
CA GLU A 179 -10.10 -32.17 13.72
C GLU A 179 -10.79 -33.00 12.66
N ASP A 180 -10.47 -32.78 11.39
CA ASP A 180 -11.24 -33.40 10.33
C ASP A 180 -10.66 -34.76 9.98
N ALA A 181 -11.55 -35.75 9.81
CA ALA A 181 -11.13 -37.15 9.58
C ALA A 181 -10.51 -37.31 8.22
N ALA A 182 -11.06 -36.60 7.22
CA ALA A 182 -10.48 -36.60 5.88
C ALA A 182 -9.05 -36.15 5.90
N PHE A 183 -8.80 -34.91 6.32
CA PHE A 183 -7.44 -34.38 6.37
C PHE A 183 -6.56 -35.28 7.25
N ASP A 184 -7.11 -35.71 8.40
CA ASP A 184 -6.38 -36.60 9.33
C ASP A 184 -4.95 -36.14 9.57
N VAL A 185 -4.77 -34.92 10.05
CA VAL A 185 -3.41 -34.35 10.11
C VAL A 185 -2.59 -34.93 11.27
N PRO A 186 -1.41 -35.51 10.98
CA PRO A 186 -0.62 -36.12 12.04
C PRO A 186 -0.05 -35.10 12.99
N LYS A 187 0.32 -35.57 14.18
CA LYS A 187 0.99 -34.74 15.16
C LYS A 187 2.31 -34.29 14.54
N GLN A 188 2.72 -33.06 14.82
CA GLN A 188 3.99 -32.56 14.28
C GLN A 188 4.16 -32.80 12.75
N PRO A 189 3.12 -32.46 11.97
CA PRO A 189 3.12 -32.81 10.54
C PRO A 189 4.29 -32.18 9.78
N GLN A 190 4.83 -32.93 8.84
CA GLN A 190 5.99 -32.49 8.05
C GLN A 190 5.45 -32.14 6.67
N MET A 191 5.22 -30.85 6.45
CA MET A 191 4.44 -30.43 5.29
C MET A 191 5.29 -29.69 4.28
N LEU A 192 5.19 -30.05 3.00
CA LEU A 192 5.74 -29.24 1.93
C LEU A 192 5.13 -27.86 2.01
N ALA A 193 5.90 -26.82 1.66
CA ALA A 193 5.40 -25.45 1.64
C ALA A 193 5.59 -24.80 0.27
N GLN A 194 4.88 -25.29 -0.75
CA GLN A 194 5.15 -24.87 -2.10
C GLN A 194 4.38 -23.61 -2.50
N PRO A 195 3.08 -23.53 -2.14
CA PRO A 195 2.29 -22.34 -2.45
C PRO A 195 2.79 -21.05 -1.77
N PRO A 196 2.90 -19.97 -2.56
CA PRO A 196 3.40 -18.66 -2.11
C PRO A 196 2.53 -18.08 -1.03
N TYR A 197 3.12 -17.29 -0.16
CA TYR A 197 2.34 -16.72 0.91
C TYR A 197 1.25 -15.75 0.40
N SER A 198 1.37 -15.28 -0.85
CA SER A 198 0.38 -14.34 -1.39
C SER A 198 -0.94 -15.04 -1.77
N PHE A 199 -0.90 -16.36 -1.85
CA PHE A 199 -2.04 -17.19 -2.23
C PHE A 199 -2.52 -17.88 -0.96
N ASP A 200 -3.82 -17.95 -0.73
CA ASP A 200 -4.25 -18.36 0.62
C ASP A 200 -4.21 -19.86 0.87
N LEU A 201 -3.99 -20.60 -0.20
CA LEU A 201 -3.72 -21.99 -0.07
C LEU A 201 -2.54 -22.20 0.88
N SER A 202 -1.68 -21.21 1.03
CA SER A 202 -0.51 -21.39 1.89
C SER A 202 -0.91 -21.55 3.34
N VAL A 203 -2.07 -21.03 3.70
CA VAL A 203 -2.55 -21.15 5.06
C VAL A 203 -2.78 -22.62 5.37
N MET A 204 -3.08 -23.40 4.34
CA MET A 204 -3.43 -24.82 4.50
C MET A 204 -2.22 -25.63 4.94
N TYR A 205 -1.02 -25.10 4.69
CA TYR A 205 0.16 -25.64 5.33
C TYR A 205 0.63 -24.90 6.58
N TRP A 206 0.60 -23.58 6.65
CA TRP A 206 1.25 -22.99 7.82
C TRP A 206 0.43 -23.01 9.12
N ALA A 207 -0.88 -22.91 8.99
CA ALA A 207 -1.76 -22.88 10.13
C ALA A 207 -1.77 -24.23 10.85
N PRO A 208 -2.22 -25.31 10.18
CA PRO A 208 -2.21 -26.58 10.88
C PRO A 208 -0.78 -26.94 11.36
N THR A 209 0.22 -26.63 10.56
CA THR A 209 1.60 -26.92 10.94
C THR A 209 2.01 -26.20 12.23
N LEU A 210 1.70 -24.90 12.33
CA LEU A 210 2.09 -24.14 13.51
C LEU A 210 1.23 -24.52 14.71
N ALA A 211 -0.04 -24.87 14.45
CA ALA A 211 -0.98 -25.29 15.49
C ALA A 211 -0.62 -26.66 16.07
N LEU A 212 -0.04 -27.55 15.26
CA LEU A 212 0.31 -28.91 15.69
C LEU A 212 1.82 -29.06 15.86
N GLY A 213 2.52 -27.94 15.71
CA GLY A 213 3.95 -27.90 15.94
C GLY A 213 4.74 -28.76 14.98
N GLY A 214 4.37 -28.77 13.71
CA GLY A 214 5.19 -29.51 12.75
C GLY A 214 6.28 -28.67 12.13
N THR A 215 6.76 -29.13 10.98
CA THR A 215 7.81 -28.47 10.22
C THR A 215 7.40 -28.19 8.77
N LEU A 216 7.71 -26.97 8.33
CA LEU A 216 7.45 -26.55 6.97
C LEU A 216 8.73 -26.71 6.18
N PHE A 217 8.58 -27.27 4.98
CA PHE A 217 9.73 -27.53 4.14
C PHE A 217 9.54 -26.63 2.92
N ALA A 218 10.37 -25.60 2.86
CA ALA A 218 10.28 -24.56 1.87
C ALA A 218 11.41 -24.70 0.84
N LEU A 219 11.21 -24.13 -0.34
CA LEU A 219 12.07 -24.34 -1.49
C LEU A 219 12.63 -22.99 -1.88
N PRO A 220 13.87 -22.95 -2.42
CA PRO A 220 14.42 -21.63 -2.71
C PRO A 220 13.77 -20.99 -3.93
N LYS A 221 13.73 -19.67 -3.89
CA LYS A 221 13.19 -18.78 -4.89
C LYS A 221 13.60 -19.13 -6.33
N GLU A 222 14.85 -19.54 -6.55
CA GLU A 222 15.30 -19.84 -7.92
C GLU A 222 15.02 -21.24 -8.41
N LEU A 223 14.56 -22.12 -7.51
CA LEU A 223 14.12 -23.44 -7.95
C LEU A 223 12.72 -23.38 -8.57
N VAL A 224 11.99 -22.31 -8.24
CA VAL A 224 10.65 -22.08 -8.78
C VAL A 224 10.73 -22.00 -10.31
N ALA A 225 11.90 -21.56 -10.80
CA ALA A 225 12.19 -21.43 -12.24
C ALA A 225 12.17 -22.77 -12.99
N ASP A 226 13.22 -23.58 -12.82
CA ASP A 226 13.37 -24.80 -13.61
C ASP A 226 12.82 -26.07 -12.97
N PHE A 227 11.93 -26.69 -13.72
CA PHE A 227 11.04 -27.70 -13.21
C PHE A 227 11.70 -29.06 -13.11
N LYS A 228 12.68 -29.32 -13.96
CA LYS A 228 13.39 -30.59 -13.85
C LYS A 228 14.04 -30.66 -12.48
N GLN A 229 14.77 -29.60 -12.12
CA GLN A 229 15.50 -29.60 -10.86
C GLN A 229 14.56 -29.49 -9.66
N LEU A 230 13.55 -28.63 -9.78
CA LEU A 230 12.57 -28.39 -8.71
C LEU A 230 12.09 -29.69 -8.08
N PHE A 231 11.42 -30.49 -8.91
CA PHE A 231 10.87 -31.76 -8.52
C PHE A 231 11.92 -32.75 -8.09
N THR A 232 13.16 -32.57 -8.53
CA THR A 232 14.23 -33.44 -8.02
C THR A 232 14.65 -33.01 -6.61
N THR A 233 14.71 -31.71 -6.36
CA THR A 233 15.03 -31.27 -5.01
C THR A 233 13.91 -31.61 -4.01
N ILE A 234 12.65 -31.41 -4.42
CA ILE A 234 11.46 -31.74 -3.60
C ILE A 234 11.51 -33.21 -3.17
N ALA A 235 11.78 -34.07 -4.15
CA ALA A 235 12.04 -35.50 -3.99
C ALA A 235 12.91 -35.87 -2.80
N GLN A 236 13.92 -35.07 -2.49
CA GLN A 236 14.87 -35.38 -1.41
C GLN A 236 14.39 -34.96 -0.02
N LEU A 237 13.36 -34.13 0.05
CA LEU A 237 12.86 -33.67 1.33
C LEU A 237 12.03 -34.77 1.98
N PRO A 238 12.17 -34.91 3.32
CA PRO A 238 11.34 -35.83 4.10
C PRO A 238 9.99 -35.21 4.41
N VAL A 239 9.20 -35.01 3.36
CA VAL A 239 7.89 -34.36 3.51
C VAL A 239 6.83 -35.44 3.64
N GLY A 240 5.94 -35.26 4.59
CA GLY A 240 4.85 -36.19 4.87
C GLY A 240 3.61 -35.82 4.09
N ILE A 241 3.48 -34.53 3.79
CA ILE A 241 2.25 -33.97 3.27
C ILE A 241 2.53 -32.99 2.16
N TRP A 242 1.81 -33.17 1.07
CA TRP A 242 2.00 -32.32 -0.09
C TRP A 242 0.71 -31.53 -0.29
N THR A 243 0.83 -30.22 -0.20
CA THR A 243 -0.28 -29.31 -0.36
C THR A 243 -0.02 -28.47 -1.61
N SER A 244 -0.94 -28.52 -2.58
CA SER A 244 -0.77 -27.69 -3.77
C SER A 244 -2.06 -27.62 -4.54
N THR A 245 -2.03 -26.87 -5.66
CA THR A 245 -3.07 -26.94 -6.68
C THR A 245 -2.88 -28.26 -7.37
N PRO A 246 -3.96 -28.83 -7.93
CA PRO A 246 -3.90 -30.01 -8.79
C PRO A 246 -2.99 -29.82 -9.99
N SER A 247 -3.05 -28.64 -10.63
CA SER A 247 -2.14 -28.38 -11.73
C SER A 247 -0.70 -28.56 -11.30
N PHE A 248 -0.36 -28.22 -10.07
CA PHE A 248 1.02 -28.40 -9.68
C PHE A 248 1.39 -29.87 -9.59
N ALA A 249 0.47 -30.70 -9.12
CA ALA A 249 0.71 -32.13 -9.13
C ALA A 249 0.90 -32.67 -10.57
N ASP A 250 0.02 -32.24 -11.50
CA ASP A 250 0.18 -32.56 -12.93
C ASP A 250 1.59 -32.29 -13.43
N MET A 251 2.10 -31.08 -13.19
CA MET A 251 3.52 -30.80 -13.44
C MET A 251 4.49 -31.80 -12.78
N ALA A 252 4.23 -32.18 -11.51
CA ALA A 252 5.11 -33.13 -10.80
C ALA A 252 5.15 -34.48 -11.51
N MET A 253 4.04 -34.84 -12.13
CA MET A 253 3.91 -36.10 -12.85
C MET A 253 4.95 -36.27 -13.97
N LEU A 254 5.45 -35.17 -14.53
CA LEU A 254 6.46 -35.26 -15.59
C LEU A 254 7.87 -35.61 -15.08
N SER A 255 8.03 -35.82 -13.76
CA SER A 255 9.33 -36.16 -13.18
C SER A 255 9.39 -37.62 -12.73
N ASP A 256 10.49 -38.29 -13.06
CA ASP A 256 10.75 -39.67 -12.62
C ASP A 256 10.78 -39.79 -11.08
N ASP A 257 11.17 -38.70 -10.40
CA ASP A 257 11.37 -38.70 -8.95
C ASP A 257 10.07 -38.58 -8.16
N PHE A 258 9.01 -38.17 -8.86
CA PHE A 258 7.72 -38.00 -8.23
C PHE A 258 7.05 -39.35 -8.11
N CYS A 259 7.47 -40.14 -7.13
CA CYS A 259 6.85 -41.43 -6.85
C CYS A 259 7.23 -41.98 -5.48
N GLN A 260 6.36 -42.87 -4.97
CA GLN A 260 6.56 -43.57 -3.70
C GLN A 260 8.03 -43.90 -3.48
N ALA A 261 8.62 -44.71 -4.35
CA ALA A 261 9.99 -45.17 -4.15
C ALA A 261 11.01 -44.04 -3.85
N LYS A 262 10.85 -42.90 -4.50
CA LYS A 262 11.76 -41.78 -4.24
C LYS A 262 11.25 -40.88 -3.12
N MET A 263 9.95 -40.90 -2.85
CA MET A 263 9.37 -40.07 -1.77
C MET A 263 8.62 -40.97 -0.80
N PRO A 264 9.37 -41.90 -0.16
CA PRO A 264 8.82 -42.98 0.68
C PRO A 264 8.03 -42.43 1.85
N ALA A 265 8.36 -41.21 2.23
CA ALA A 265 7.81 -40.54 3.41
C ALA A 265 6.42 -39.95 3.16
N LEU A 266 6.07 -39.74 1.90
CA LEU A 266 4.84 -39.03 1.53
C LEU A 266 3.57 -39.85 1.75
N THR A 267 2.74 -39.37 2.65
CA THR A 267 1.49 -40.04 3.02
C THR A 267 0.21 -39.35 2.57
N HIS A 268 0.22 -38.01 2.40
CA HIS A 268 -0.99 -37.25 2.10
C HIS A 268 -0.81 -36.20 1.01
N PHE A 269 -1.85 -36.03 0.21
CA PHE A 269 -1.97 -34.94 -0.75
C PHE A 269 -3.19 -34.07 -0.42
N TYR A 270 -2.97 -32.78 -0.22
CA TYR A 270 -4.07 -31.87 0.01
C TYR A 270 -4.20 -30.94 -1.18
N PHE A 271 -5.37 -30.95 -1.82
CA PHE A 271 -5.61 -30.10 -2.98
C PHE A 271 -6.70 -29.10 -2.74
N ASP A 272 -6.49 -27.88 -3.22
CA ASP A 272 -7.51 -26.86 -3.15
C ASP A 272 -7.22 -25.88 -4.27
N GLY A 273 -8.20 -25.10 -4.68
CA GLY A 273 -7.95 -23.96 -5.55
C GLY A 273 -8.41 -24.14 -6.98
N GLU A 274 -8.70 -25.38 -7.36
CA GLU A 274 -8.85 -25.76 -8.75
C GLU A 274 -9.50 -27.14 -8.83
N GLU A 275 -10.31 -27.39 -9.85
CA GLU A 275 -10.92 -28.71 -10.00
C GLU A 275 -9.87 -29.83 -9.99
N LEU A 276 -10.02 -30.79 -9.09
CA LEU A 276 -9.20 -31.98 -9.07
C LEU A 276 -9.72 -32.95 -10.11
N THR A 277 -8.89 -33.25 -11.08
CA THR A 277 -9.28 -34.09 -12.20
C THR A 277 -9.25 -35.58 -11.81
N VAL A 278 -10.24 -36.29 -12.30
CA VAL A 278 -10.29 -37.74 -12.18
C VAL A 278 -8.97 -38.39 -12.63
N SER A 279 -8.47 -37.89 -13.76
CA SER A 279 -7.22 -38.35 -14.35
C SER A 279 -5.99 -38.05 -13.47
N THR A 280 -5.92 -36.83 -12.95
CA THR A 280 -4.85 -36.49 -12.03
C THR A 280 -4.83 -37.46 -10.83
N ALA A 281 -6.00 -37.71 -10.26
CA ALA A 281 -6.10 -38.57 -9.10
C ALA A 281 -5.68 -39.99 -9.42
N ARG A 282 -6.25 -40.56 -10.51
CA ARG A 282 -5.84 -41.89 -10.98
C ARG A 282 -4.33 -41.95 -11.10
N LYS A 283 -3.73 -40.95 -11.74
CA LYS A 283 -2.27 -40.90 -11.85
C LYS A 283 -1.56 -40.85 -10.48
N LEU A 284 -2.10 -40.10 -9.52
CA LEU A 284 -1.44 -40.04 -8.22
C LEU A 284 -1.44 -41.42 -7.59
N PHE A 285 -2.55 -42.13 -7.72
CA PHE A 285 -2.61 -43.52 -7.26
C PHE A 285 -1.64 -44.46 -7.98
N GLU A 286 -1.22 -44.08 -9.18
CA GLU A 286 -0.21 -44.83 -9.94
C GLU A 286 1.16 -44.69 -9.26
N ARG A 287 1.50 -43.45 -8.88
CA ARG A 287 2.83 -43.17 -8.32
C ARG A 287 2.93 -43.37 -6.81
N PHE A 288 1.80 -43.29 -6.12
CA PHE A 288 1.78 -43.40 -4.67
C PHE A 288 0.62 -44.28 -4.27
N PRO A 289 0.80 -45.62 -4.43
CA PRO A 289 -0.32 -46.54 -4.22
C PRO A 289 -0.91 -46.37 -2.82
N SER A 290 -0.05 -46.10 -1.84
CA SER A 290 -0.47 -46.00 -0.44
C SER A 290 -0.88 -44.59 0.02
N ALA A 291 -0.84 -43.60 -0.87
CA ALA A 291 -1.15 -42.24 -0.41
C ALA A 291 -2.65 -41.97 -0.33
N LYS A 292 -3.02 -41.09 0.59
CA LYS A 292 -4.39 -40.67 0.70
C LYS A 292 -4.51 -39.33 0.01
N ILE A 293 -5.63 -39.10 -0.65
CA ILE A 293 -5.84 -37.90 -1.44
C ILE A 293 -7.01 -37.13 -0.92
N ILE A 294 -6.80 -35.84 -0.64
CA ILE A 294 -7.83 -34.98 -0.08
C ILE A 294 -8.13 -33.81 -1.01
N ASN A 295 -9.39 -33.74 -1.41
CA ASN A 295 -9.92 -32.66 -2.21
C ASN A 295 -10.66 -31.71 -1.28
N ALA A 296 -10.40 -30.42 -1.42
CA ALA A 296 -10.97 -29.47 -0.52
C ALA A 296 -11.33 -28.29 -1.37
N TYR A 297 -12.30 -27.50 -0.93
CA TYR A 297 -12.76 -26.40 -1.70
C TYR A 297 -13.16 -25.25 -0.80
N GLY A 298 -12.97 -24.04 -1.30
CA GLY A 298 -13.49 -22.86 -0.66
C GLY A 298 -12.92 -21.59 -1.29
N PRO A 299 -13.68 -20.48 -1.26
CA PRO A 299 -13.12 -19.21 -1.64
C PRO A 299 -12.26 -18.59 -0.53
N THR A 300 -11.33 -17.74 -0.92
CA THR A 300 -10.52 -16.92 -0.01
C THR A 300 -11.41 -16.18 1.00
N GLU A 301 -12.58 -15.76 0.54
CA GLU A 301 -13.55 -14.98 1.33
C GLU A 301 -14.15 -15.78 2.48
N ALA A 302 -13.86 -17.07 2.56
CA ALA A 302 -14.34 -17.85 3.69
C ALA A 302 -13.22 -18.64 4.34
N THR A 303 -12.01 -18.07 4.34
CA THR A 303 -10.83 -18.66 4.95
C THR A 303 -10.45 -20.02 4.34
N VAL A 304 -9.91 -19.96 3.11
CA VAL A 304 -9.13 -21.06 2.52
C VAL A 304 -9.95 -22.25 1.99
N ALA A 305 -10.70 -22.89 2.88
CA ALA A 305 -11.65 -23.96 2.50
C ALA A 305 -12.88 -24.04 3.42
N LEU A 306 -13.98 -24.46 2.85
CA LEU A 306 -15.21 -24.63 3.59
C LEU A 306 -15.67 -26.11 3.56
N SER A 307 -14.99 -26.93 2.79
CA SER A 307 -15.35 -28.34 2.67
C SER A 307 -14.17 -29.13 2.22
N ALA A 308 -14.25 -30.44 2.38
CA ALA A 308 -13.17 -31.37 2.08
C ALA A 308 -13.72 -32.77 2.20
N ILE A 309 -13.07 -33.71 1.52
CA ILE A 309 -13.45 -35.14 1.45
C ILE A 309 -12.26 -35.96 0.97
N GLU A 310 -12.14 -37.19 1.43
CA GLU A 310 -11.12 -38.10 0.88
C GLU A 310 -11.54 -38.70 -0.46
N ILE A 311 -10.59 -38.77 -1.39
CA ILE A 311 -10.83 -39.35 -2.72
C ILE A 311 -10.34 -40.80 -2.71
N THR A 312 -11.22 -41.70 -3.17
CA THR A 312 -11.00 -43.16 -3.20
C THR A 312 -10.86 -43.67 -4.64
N ARG A 313 -10.33 -44.88 -4.82
CA ARG A 313 -10.32 -45.46 -6.18
C ARG A 313 -11.73 -45.75 -6.70
N GLU A 314 -12.67 -46.05 -5.80
CA GLU A 314 -14.07 -46.20 -6.19
C GLU A 314 -14.51 -44.96 -6.99
N MET A 315 -14.17 -43.79 -6.48
CA MET A 315 -14.54 -42.53 -7.15
C MET A 315 -13.85 -42.36 -8.48
N VAL A 316 -12.56 -42.68 -8.54
CA VAL A 316 -11.78 -42.48 -9.75
C VAL A 316 -12.29 -43.39 -10.89
N ASP A 317 -12.56 -44.65 -10.56
CA ASP A 317 -13.06 -45.67 -11.49
C ASP A 317 -14.44 -45.31 -12.05
N ASN A 318 -15.25 -44.65 -11.21
CA ASN A 318 -16.68 -44.51 -11.46
C ASN A 318 -17.15 -43.13 -11.97
N TYR A 319 -16.67 -42.06 -11.33
CA TYR A 319 -17.25 -40.71 -11.49
C TYR A 319 -16.76 -39.93 -12.73
N THR A 320 -17.52 -38.93 -13.15
CA THR A 320 -17.04 -38.01 -14.17
C THR A 320 -16.29 -36.86 -13.52
N ARG A 321 -16.86 -36.32 -12.46
CA ARG A 321 -16.22 -35.21 -11.75
C ARG A 321 -15.99 -35.61 -10.30
N LEU A 322 -14.98 -35.04 -9.67
CA LEU A 322 -14.74 -35.40 -8.27
C LEU A 322 -15.58 -34.52 -7.36
N PRO A 323 -15.97 -35.06 -6.20
CA PRO A 323 -16.72 -34.24 -5.24
C PRO A 323 -15.84 -33.20 -4.48
N ILE A 324 -16.42 -32.09 -4.04
CA ILE A 324 -15.65 -31.14 -3.25
C ILE A 324 -15.84 -31.28 -1.73
N GLY A 325 -16.73 -32.18 -1.31
CA GLY A 325 -16.71 -32.71 0.06
C GLY A 325 -17.72 -32.21 1.08
N TYR A 326 -17.58 -32.68 2.32
CA TYR A 326 -18.48 -32.30 3.38
C TYR A 326 -18.15 -30.89 3.88
N PRO A 327 -19.15 -30.01 3.87
CA PRO A 327 -19.05 -28.67 4.42
C PRO A 327 -18.72 -28.73 5.91
N LYS A 328 -18.01 -27.72 6.39
CA LYS A 328 -17.59 -27.75 7.79
C LYS A 328 -18.75 -27.42 8.73
N PRO A 329 -18.81 -28.12 9.89
CA PRO A 329 -19.91 -28.07 10.86
C PRO A 329 -20.27 -26.67 11.30
N ASP A 330 -19.29 -25.76 11.38
CA ASP A 330 -19.57 -24.42 11.85
C ASP A 330 -19.88 -23.39 10.75
N SER A 331 -19.80 -23.80 9.50
CA SER A 331 -20.04 -22.91 8.37
C SER A 331 -21.17 -23.48 7.52
N PRO A 332 -22.41 -23.27 7.95
CA PRO A 332 -23.51 -23.82 7.15
C PRO A 332 -23.43 -23.29 5.73
N THR A 333 -23.53 -24.21 4.77
CA THR A 333 -23.42 -23.91 3.36
C THR A 333 -24.69 -24.31 2.65
N TYR A 334 -25.19 -23.42 1.81
CA TYR A 334 -26.49 -23.57 1.15
C TYR A 334 -26.38 -23.37 -0.36
N ILE A 335 -27.28 -24.02 -1.11
CA ILE A 335 -27.40 -23.86 -2.55
C ILE A 335 -28.63 -23.00 -2.81
N ILE A 336 -28.51 -21.93 -3.58
CA ILE A 336 -29.65 -21.04 -3.82
C ILE A 336 -30.00 -20.85 -5.30
N ASP A 337 -31.29 -20.62 -5.57
CA ASP A 337 -31.78 -20.26 -6.90
C ASP A 337 -31.36 -18.82 -7.23
N GLU A 338 -31.61 -18.37 -8.47
CA GLU A 338 -31.25 -17.00 -8.88
C GLU A 338 -32.17 -15.95 -8.21
N ASP A 339 -33.24 -16.44 -7.60
CA ASP A 339 -34.24 -15.59 -6.96
C ASP A 339 -33.94 -15.39 -5.47
N GLY A 340 -32.93 -16.11 -4.97
CA GLY A 340 -32.57 -16.06 -3.56
C GLY A 340 -33.09 -17.24 -2.77
N LYS A 341 -33.90 -18.07 -3.42
CA LYS A 341 -34.57 -19.22 -2.79
C LYS A 341 -33.59 -20.34 -2.56
N GLU A 342 -33.50 -20.79 -1.31
CA GLU A 342 -32.79 -22.01 -0.96
C GLU A 342 -33.39 -23.21 -1.70
N LEU A 343 -32.52 -24.08 -2.24
CA LEU A 343 -32.95 -25.29 -2.94
C LEU A 343 -32.81 -26.54 -2.09
N SER A 344 -33.70 -27.49 -2.32
CA SER A 344 -33.64 -28.80 -1.66
C SER A 344 -32.58 -29.65 -2.34
N SER A 345 -32.18 -30.71 -1.65
CA SER A 345 -31.17 -31.63 -2.17
C SER A 345 -31.24 -31.84 -3.69
N GLY A 346 -30.10 -31.66 -4.36
CA GLY A 346 -29.90 -32.18 -5.69
C GLY A 346 -30.04 -31.14 -6.77
N GLU A 347 -30.89 -30.16 -6.54
CA GLU A 347 -31.03 -29.06 -7.47
C GLU A 347 -29.69 -28.26 -7.51
N GLN A 348 -29.42 -27.65 -8.65
CA GLN A 348 -28.21 -26.88 -8.88
C GLN A 348 -28.44 -25.40 -8.73
N GLY A 349 -27.53 -24.72 -8.05
CA GLY A 349 -27.61 -23.27 -7.88
C GLY A 349 -26.32 -22.69 -7.35
N GLU A 350 -26.37 -21.44 -6.92
CA GLU A 350 -25.18 -20.77 -6.40
C GLU A 350 -24.84 -21.25 -4.98
N ILE A 351 -23.61 -21.74 -4.80
CA ILE A 351 -23.11 -22.05 -3.46
C ILE A 351 -22.97 -20.76 -2.62
N ILE A 352 -23.48 -20.83 -1.38
CA ILE A 352 -23.54 -19.72 -0.44
C ILE A 352 -22.94 -20.24 0.88
N VAL A 353 -21.98 -19.49 1.42
CA VAL A 353 -21.29 -19.87 2.66
C VAL A 353 -21.57 -18.87 3.77
N THR A 354 -21.76 -19.41 4.99
CA THR A 354 -22.13 -18.59 6.13
C THR A 354 -21.27 -18.98 7.32
N GLY A 355 -21.27 -18.13 8.35
CA GLY A 355 -20.63 -18.52 9.61
C GLY A 355 -19.41 -17.69 9.96
N PRO A 356 -18.68 -18.09 11.03
CA PRO A 356 -17.53 -17.36 11.60
C PRO A 356 -16.23 -17.38 10.74
N ALA A 357 -16.19 -18.14 9.66
CA ALA A 357 -15.04 -18.09 8.78
C ALA A 357 -15.22 -17.10 7.61
N VAL A 358 -16.42 -16.57 7.45
CA VAL A 358 -16.66 -15.56 6.43
C VAL A 358 -15.95 -14.24 6.78
N SER A 359 -15.16 -13.73 5.83
CA SER A 359 -14.49 -12.44 5.93
C SER A 359 -15.48 -11.35 6.17
N LYS A 360 -15.01 -10.31 6.86
CA LYS A 360 -15.80 -9.11 7.14
C LYS A 360 -15.89 -8.26 5.87
N GLY A 361 -15.15 -8.61 4.81
CA GLY A 361 -15.27 -7.94 3.51
C GLY A 361 -13.99 -7.47 2.85
N TYR A 362 -14.11 -6.63 1.83
CA TYR A 362 -12.96 -6.30 1.02
C TYR A 362 -12.38 -5.01 1.55
N LEU A 363 -11.07 -4.99 1.79
CA LEU A 363 -10.48 -3.81 2.42
C LEU A 363 -10.76 -2.59 1.57
N ASN A 364 -11.44 -1.61 2.13
CA ASN A 364 -11.62 -0.29 1.48
C ASN A 364 -12.36 -0.41 0.14
N ASN A 365 -13.29 -1.34 0.04
CA ASN A 365 -14.07 -1.47 -1.21
C ASN A 365 -15.49 -1.90 -0.90
N PRO A 366 -16.30 -0.95 -0.41
CA PRO A 366 -17.64 -1.24 0.08
C PRO A 366 -18.62 -1.60 -1.03
N GLU A 367 -18.39 -1.10 -2.24
CA GLU A 367 -19.26 -1.43 -3.36
C GLU A 367 -19.20 -2.90 -3.64
N LYS A 368 -17.99 -3.45 -3.72
CA LYS A 368 -17.83 -4.86 -3.99
C LYS A 368 -18.18 -5.76 -2.81
N THR A 369 -18.01 -5.24 -1.60
CA THR A 369 -18.41 -5.95 -0.38
C THR A 369 -19.94 -6.08 -0.37
N ALA A 370 -20.62 -4.97 -0.69
CA ALA A 370 -22.09 -4.90 -0.65
C ALA A 370 -22.68 -5.89 -1.66
N GLU A 371 -22.01 -6.01 -2.81
CA GLU A 371 -22.38 -6.97 -3.85
C GLU A 371 -22.19 -8.44 -3.49
N ALA A 372 -21.13 -8.80 -2.76
CA ALA A 372 -20.88 -10.22 -2.50
C ALA A 372 -21.21 -10.66 -1.09
N PHE A 373 -21.18 -9.72 -0.13
CA PHE A 373 -21.48 -9.99 1.27
C PHE A 373 -22.85 -9.51 1.66
N PHE A 374 -23.58 -10.42 2.28
CA PHE A 374 -24.94 -10.15 2.67
C PHE A 374 -25.28 -11.02 3.87
N THR A 375 -26.48 -10.80 4.39
CA THR A 375 -26.99 -11.50 5.55
C THR A 375 -28.03 -12.52 5.05
N PHE A 376 -27.82 -13.77 5.47
CA PHE A 376 -28.69 -14.89 5.11
C PHE A 376 -29.12 -15.46 6.47
N LYS A 377 -30.44 -15.55 6.68
CA LYS A 377 -31.04 -15.88 7.98
C LYS A 377 -30.32 -15.25 9.18
N GLY A 378 -30.02 -13.96 9.13
CA GLY A 378 -29.26 -13.34 10.22
C GLY A 378 -27.79 -13.74 10.39
N GLN A 379 -27.31 -14.61 9.49
CA GLN A 379 -25.87 -14.98 9.46
C GLN A 379 -25.14 -14.26 8.33
N PRO A 380 -23.94 -13.69 8.65
CA PRO A 380 -23.16 -13.06 7.59
C PRO A 380 -22.86 -14.13 6.51
N ALA A 381 -23.07 -13.80 5.24
CA ALA A 381 -22.93 -14.76 4.16
C ALA A 381 -22.17 -14.21 2.97
N TYR A 382 -21.66 -15.14 2.16
CA TYR A 382 -20.90 -14.78 0.96
C TYR A 382 -21.38 -15.54 -0.30
N HIS A 383 -21.61 -14.78 -1.36
CA HIS A 383 -21.83 -15.33 -2.70
C HIS A 383 -20.53 -15.91 -3.27
N THR A 384 -20.43 -17.23 -3.42
CA THR A 384 -19.18 -17.80 -3.89
C THR A 384 -18.94 -17.49 -5.35
N GLY A 385 -20.04 -17.30 -6.09
CA GLY A 385 -19.97 -17.17 -7.54
C GLY A 385 -19.74 -18.52 -8.19
N ASP A 386 -19.85 -19.59 -7.39
CA ASP A 386 -19.75 -20.97 -7.86
C ASP A 386 -21.13 -21.65 -7.97
N ILE A 387 -21.35 -22.40 -9.05
CA ILE A 387 -22.50 -23.29 -9.17
C ILE A 387 -22.11 -24.64 -8.63
N GLY A 388 -23.00 -25.25 -7.88
CA GLY A 388 -22.89 -26.65 -7.50
C GLY A 388 -24.21 -27.13 -6.93
N SER A 389 -24.14 -28.20 -6.16
CA SER A 389 -25.33 -28.75 -5.55
C SER A 389 -24.91 -29.53 -4.35
N LEU A 390 -25.89 -29.88 -3.53
CA LEU A 390 -25.69 -30.75 -2.37
C LEU A 390 -26.39 -32.11 -2.49
N THR A 391 -25.64 -33.18 -2.21
CA THR A 391 -26.17 -34.53 -2.13
C THR A 391 -27.08 -34.67 -0.91
N GLU A 392 -27.73 -35.83 -0.82
CA GLU A 392 -28.40 -36.33 0.38
C GLU A 392 -27.36 -36.68 1.45
N ASP A 393 -26.22 -37.19 1.00
CA ASP A 393 -25.05 -37.52 1.84
C ASP A 393 -24.41 -36.32 2.53
N ASN A 394 -24.83 -35.11 2.15
CA ASN A 394 -24.23 -33.85 2.59
C ASN A 394 -22.86 -33.63 1.96
N ILE A 395 -22.83 -33.84 0.65
CA ILE A 395 -21.63 -33.74 -0.11
C ILE A 395 -21.86 -32.73 -1.20
N LEU A 396 -20.99 -31.74 -1.18
CA LEU A 396 -20.96 -30.67 -2.15
C LEU A 396 -20.38 -31.24 -3.41
N LEU A 397 -21.01 -30.90 -4.54
CA LEU A 397 -20.51 -31.22 -5.87
C LEU A 397 -20.32 -29.91 -6.61
N TYR A 398 -19.28 -29.86 -7.44
CA TYR A 398 -18.91 -28.64 -8.15
C TYR A 398 -19.39 -28.62 -9.59
N GLY A 399 -20.09 -27.57 -9.99
CA GLY A 399 -20.54 -27.38 -11.37
C GLY A 399 -19.58 -26.48 -12.14
N GLY A 400 -19.34 -25.27 -11.61
CA GLY A 400 -18.34 -24.35 -12.12
C GLY A 400 -18.61 -22.89 -11.83
N ARG A 401 -17.83 -22.01 -12.45
CA ARG A 401 -18.02 -20.59 -12.23
C ARG A 401 -19.28 -20.11 -12.90
N LEU A 402 -20.00 -19.26 -12.16
CA LEU A 402 -21.15 -18.55 -12.69
C LEU A 402 -20.76 -17.81 -13.96
N ASP A 403 -19.57 -17.19 -13.95
CA ASP A 403 -18.95 -16.58 -15.13
C ASP A 403 -18.88 -17.50 -16.38
N PHE A 404 -19.03 -18.80 -16.18
CA PHE A 404 -18.78 -19.80 -17.22
C PHE A 404 -19.94 -20.79 -17.39
N GLN A 405 -21.08 -20.54 -16.75
CA GLN A 405 -22.28 -21.35 -16.97
C GLN A 405 -23.02 -20.60 -18.06
N ILE A 406 -22.82 -21.03 -19.31
CA ILE A 406 -23.17 -20.24 -20.47
C ILE A 406 -24.49 -20.64 -21.18
N LYS A 407 -25.08 -21.78 -20.80
CA LYS A 407 -26.37 -22.28 -21.35
C LYS A 407 -27.12 -21.43 -22.42
N ILE A 413 -25.35 -25.20 -20.28
CA ILE A 413 -24.28 -25.85 -19.50
C ILE A 413 -23.11 -24.93 -19.07
N GLU A 414 -22.36 -25.46 -18.11
CA GLU A 414 -21.15 -24.84 -17.64
C GLU A 414 -20.00 -25.36 -18.47
N LEU A 415 -19.18 -24.43 -18.96
CA LEU A 415 -18.01 -24.77 -19.71
C LEU A 415 -17.21 -25.88 -19.01
N GLU A 416 -17.19 -25.85 -17.67
CA GLU A 416 -16.39 -26.78 -16.90
C GLU A 416 -16.80 -28.20 -17.15
N ASP A 417 -18.09 -28.42 -17.32
CA ASP A 417 -18.60 -29.76 -17.55
C ASP A 417 -18.18 -30.27 -18.91
N VAL A 418 -18.27 -29.40 -19.91
CA VAL A 418 -17.86 -29.78 -21.25
C VAL A 418 -16.39 -30.20 -21.22
N SER A 419 -15.59 -29.37 -20.55
CA SER A 419 -14.16 -29.62 -20.35
C SER A 419 -13.84 -31.01 -19.78
N GLN A 420 -14.57 -31.41 -18.74
CA GLN A 420 -14.26 -32.69 -18.05
C GLN A 420 -14.75 -33.88 -18.81
N GLN A 421 -15.85 -33.68 -19.53
CA GLN A 421 -16.34 -34.67 -20.48
C GLN A 421 -15.28 -34.90 -21.55
N LEU A 422 -14.56 -33.85 -21.94
CA LEU A 422 -13.50 -34.02 -22.95
C LEU A 422 -12.24 -34.72 -22.42
N ASN A 423 -11.85 -34.35 -21.21
CA ASN A 423 -10.72 -34.99 -20.51
C ASN A 423 -10.92 -36.48 -20.39
N GLN A 424 -12.15 -36.95 -20.56
CA GLN A 424 -12.42 -38.37 -20.51
C GLN A 424 -11.87 -39.13 -21.74
N SER A 425 -11.58 -38.42 -22.82
CA SER A 425 -11.01 -39.03 -24.01
C SER A 425 -9.69 -39.66 -23.68
N PRO A 426 -9.47 -40.91 -24.14
CA PRO A 426 -8.20 -41.58 -23.94
C PRO A 426 -7.07 -40.92 -24.71
N MET A 427 -7.38 -39.87 -25.48
CA MET A 427 -6.40 -39.15 -26.28
C MET A 427 -6.04 -37.76 -25.72
N VAL A 428 -6.91 -37.22 -24.87
CA VAL A 428 -6.72 -35.86 -24.29
C VAL A 428 -5.96 -35.82 -22.94
N ALA A 429 -4.94 -34.96 -22.86
CA ALA A 429 -4.29 -34.72 -21.57
C ALA A 429 -5.11 -33.72 -20.74
N SER A 430 -5.42 -32.56 -21.34
CA SER A 430 -6.46 -31.66 -20.83
C SER A 430 -7.12 -30.75 -21.89
N ALA A 431 -8.34 -30.34 -21.59
CA ALA A 431 -9.19 -29.54 -22.45
C ALA A 431 -9.80 -28.39 -21.68
N VAL A 432 -10.08 -27.29 -22.37
CA VAL A 432 -10.90 -26.25 -21.79
C VAL A 432 -11.81 -25.67 -22.85
N ALA A 433 -13.10 -25.86 -22.63
CA ALA A 433 -14.16 -25.29 -23.46
C ALA A 433 -14.30 -23.79 -23.20
N VAL A 434 -14.24 -23.02 -24.29
CA VAL A 434 -14.26 -21.58 -24.23
C VAL A 434 -15.26 -21.10 -25.29
N PRO A 435 -15.88 -19.92 -25.08
CA PRO A 435 -16.76 -19.40 -26.14
C PRO A 435 -16.12 -18.30 -26.97
N ARG A 436 -16.64 -18.05 -28.17
CA ARG A 436 -16.24 -16.84 -28.91
C ARG A 436 -17.34 -15.78 -28.87
N TYR A 437 -16.92 -14.54 -28.66
CA TYR A 437 -17.82 -13.39 -28.50
C TYR A 437 -17.66 -12.40 -29.67
N ASN A 438 -18.73 -11.65 -29.99
CA ASN A 438 -18.77 -10.72 -31.16
C ASN A 438 -19.37 -9.33 -30.94
N LYS A 439 -20.31 -9.24 -30.00
CA LYS A 439 -20.95 -7.97 -29.59
C LYS A 439 -21.39 -8.08 -28.11
N GLU A 440 -20.76 -9.02 -27.39
CA GLU A 440 -21.33 -9.74 -26.24
C GLU A 440 -22.41 -10.72 -26.77
N HIS A 441 -21.97 -11.58 -27.68
CA HIS A 441 -22.80 -12.63 -28.28
C HIS A 441 -21.95 -13.89 -28.58
N LYS A 442 -22.35 -15.04 -28.03
CA LYS A 442 -21.67 -16.32 -28.29
C LYS A 442 -22.08 -17.00 -29.62
N LEU A 446 -18.98 -22.31 -29.43
CA LEU A 446 -18.53 -23.39 -28.53
C LEU A 446 -17.26 -24.06 -29.04
N LEU A 447 -16.09 -23.58 -28.60
CA LEU A 447 -14.82 -24.18 -29.00
C LEU A 447 -14.14 -24.89 -27.81
N ALA A 448 -12.88 -25.31 -27.99
CA ALA A 448 -12.11 -25.96 -26.95
C ALA A 448 -10.62 -26.09 -27.26
N TYR A 449 -9.80 -25.62 -26.34
CA TYR A 449 -8.39 -25.86 -26.39
C TYR A 449 -8.15 -27.27 -25.93
N ILE A 450 -7.30 -27.97 -26.67
CA ILE A 450 -6.94 -29.34 -26.34
C ILE A 450 -5.43 -29.48 -26.27
N VAL A 451 -4.96 -30.19 -25.25
CA VAL A 451 -3.61 -30.72 -25.23
C VAL A 451 -3.83 -32.23 -25.28
N VAL A 452 -3.17 -32.92 -26.21
CA VAL A 452 -3.34 -34.38 -26.29
C VAL A 452 -2.20 -35.08 -25.56
N LYS A 453 -2.45 -36.33 -25.15
CA LYS A 453 -1.42 -37.18 -24.59
C LYS A 453 -0.31 -37.31 -25.63
N ASP A 454 0.93 -37.56 -25.22
CA ASP A 454 2.04 -37.59 -26.19
C ASP A 454 1.97 -38.84 -27.10
N GLY A 455 2.51 -38.71 -28.32
CA GLY A 455 2.40 -39.80 -29.30
C GLY A 455 1.05 -39.84 -29.98
N VAL A 456 0.35 -38.71 -29.96
CA VAL A 456 -1.00 -38.68 -30.51
C VAL A 456 -1.01 -37.86 -31.81
N LYS A 457 -0.45 -36.66 -31.74
CA LYS A 457 -0.18 -35.82 -32.92
C LYS A 457 0.28 -36.68 -34.12
N GLU A 458 1.31 -37.50 -33.89
CA GLU A 458 2.02 -38.25 -34.94
C GLU A 458 1.19 -39.34 -35.63
N ARG A 459 0.17 -39.83 -34.94
CA ARG A 459 -0.73 -40.84 -35.44
C ARG A 459 -1.76 -40.30 -36.47
N PHE A 460 -1.64 -39.02 -36.82
CA PHE A 460 -2.66 -38.29 -37.59
C PHE A 460 -2.12 -37.30 -38.63
N ASP A 461 -2.52 -37.49 -39.89
CA ASP A 461 -2.18 -36.60 -40.99
C ASP A 461 -2.58 -35.16 -40.66
N ARG A 462 -3.87 -34.92 -40.45
CA ARG A 462 -4.37 -33.55 -40.23
C ARG A 462 -5.23 -33.37 -38.98
N GLU A 463 -5.51 -32.10 -38.64
CA GLU A 463 -6.23 -31.74 -37.41
C GLU A 463 -7.67 -32.25 -37.44
N LEU A 464 -8.30 -32.13 -38.60
CA LEU A 464 -9.66 -32.58 -38.75
C LEU A 464 -9.84 -34.08 -38.39
N GLU A 465 -8.91 -34.92 -38.84
CA GLU A 465 -9.00 -36.36 -38.56
C GLU A 465 -8.84 -36.61 -37.06
N LEU A 466 -7.92 -35.87 -36.44
CA LEU A 466 -7.67 -35.93 -35.00
C LEU A 466 -8.89 -35.49 -34.21
N THR A 467 -9.54 -34.42 -34.67
CA THR A 467 -10.73 -33.87 -34.02
C THR A 467 -11.91 -34.83 -34.10
N LYS A 468 -12.10 -35.45 -35.26
CA LYS A 468 -13.14 -36.45 -35.46
C LYS A 468 -12.83 -37.64 -34.58
N ALA A 469 -11.56 -37.99 -34.48
CA ALA A 469 -11.16 -39.10 -33.65
C ALA A 469 -11.38 -38.82 -32.18
N ILE A 470 -11.05 -37.60 -31.75
CA ILE A 470 -11.24 -37.26 -30.35
C ILE A 470 -12.74 -37.29 -30.09
N LYS A 471 -13.50 -36.61 -30.95
CA LYS A 471 -14.94 -36.53 -30.79
C LYS A 471 -15.64 -37.87 -30.78
N ALA A 472 -15.06 -38.89 -31.40
CA ALA A 472 -15.67 -40.23 -31.37
C ALA A 472 -15.33 -40.99 -30.07
N SER A 473 -14.22 -40.60 -29.45
CA SER A 473 -13.73 -41.25 -28.24
C SER A 473 -14.64 -40.98 -27.08
N VAL A 474 -15.37 -39.87 -27.16
CA VAL A 474 -16.17 -39.39 -26.05
C VAL A 474 -17.65 -39.34 -26.39
N LYS A 475 -18.01 -39.66 -27.64
CA LYS A 475 -19.38 -39.40 -28.13
C LYS A 475 -20.46 -40.11 -27.34
N ASP A 476 -20.19 -41.38 -26.98
CA ASP A 476 -21.20 -42.18 -26.29
C ASP A 476 -21.54 -41.72 -24.84
N HIS A 477 -20.74 -40.80 -24.30
CA HIS A 477 -21.07 -40.18 -23.01
C HIS A 477 -21.30 -38.67 -23.09
N MET A 478 -21.18 -38.08 -24.28
CA MET A 478 -21.37 -36.65 -24.46
C MET A 478 -22.70 -36.34 -25.16
N MET A 479 -23.57 -35.62 -24.48
CA MET A 479 -24.77 -35.13 -25.14
C MET A 479 -24.34 -34.33 -26.38
N SER A 480 -25.16 -34.38 -27.42
CA SER A 480 -24.88 -33.70 -28.71
C SER A 480 -24.65 -32.17 -28.60
N TYR A 481 -25.49 -31.48 -27.82
CA TYR A 481 -25.48 -30.01 -27.75
C TYR A 481 -24.29 -29.47 -26.96
N MET A 482 -23.63 -30.37 -26.23
CA MET A 482 -22.49 -30.04 -25.39
C MET A 482 -21.13 -30.27 -26.05
N MET A 483 -21.12 -30.98 -27.18
CA MET A 483 -19.90 -31.18 -27.98
C MET A 483 -19.56 -29.89 -28.71
N PRO A 484 -18.37 -29.30 -28.43
CA PRO A 484 -17.86 -28.10 -29.12
C PRO A 484 -17.58 -28.35 -30.60
N SER A 485 -17.39 -27.26 -31.35
CA SER A 485 -17.40 -27.35 -32.80
C SER A 485 -16.00 -27.42 -33.38
N LYS A 486 -15.13 -26.46 -32.99
CA LYS A 486 -13.72 -26.46 -33.38
C LYS A 486 -12.76 -26.70 -32.18
N PHE A 487 -11.71 -27.49 -32.38
CA PHE A 487 -10.67 -27.66 -31.36
C PHE A 487 -9.41 -26.90 -31.75
N LEU A 488 -8.74 -26.29 -30.77
CA LEU A 488 -7.50 -25.54 -30.95
C LEU A 488 -6.37 -26.23 -30.15
N TYR A 489 -5.43 -26.82 -30.85
CA TYR A 489 -4.43 -27.66 -30.21
C TYR A 489 -3.21 -26.86 -29.76
N ARG A 490 -2.70 -27.18 -28.57
CA ARG A 490 -1.50 -26.51 -28.01
C ARG A 490 -0.71 -27.58 -27.29
N ASP A 491 0.52 -27.23 -26.91
CA ASP A 491 1.37 -28.26 -26.34
C ASP A 491 1.37 -28.29 -24.83
N SER A 492 0.89 -27.17 -24.27
CA SER A 492 0.53 -27.06 -22.86
C SER A 492 -0.44 -25.88 -22.69
N LEU A 493 -1.03 -25.78 -21.50
CA LEU A 493 -1.93 -24.69 -21.17
C LEU A 493 -1.22 -23.65 -20.33
N PRO A 494 -1.57 -22.36 -20.51
CA PRO A 494 -1.02 -21.33 -19.63
C PRO A 494 -1.47 -21.45 -18.18
N LEU A 495 -0.56 -21.11 -17.28
CA LEU A 495 -0.79 -21.29 -15.87
C LEU A 495 -0.66 -19.91 -15.21
N THR A 496 -1.64 -19.53 -14.36
CA THR A 496 -1.61 -18.28 -13.55
C THR A 496 -0.45 -18.25 -12.56
N PRO A 497 -0.10 -17.07 -12.05
CA PRO A 497 1.00 -17.07 -11.06
C PRO A 497 0.72 -18.02 -9.88
N ASN A 498 -0.56 -18.31 -9.56
CA ASN A 498 -0.90 -19.17 -8.42
C ASN A 498 -1.11 -20.67 -8.70
N GLY A 499 -0.55 -21.17 -9.81
CA GLY A 499 -0.60 -22.60 -10.11
C GLY A 499 -1.90 -23.13 -10.74
N LYS A 500 -2.75 -22.22 -11.23
CA LYS A 500 -4.04 -22.59 -11.85
C LYS A 500 -4.01 -22.48 -13.36
N ILE A 501 -4.81 -23.32 -14.02
CA ILE A 501 -5.07 -23.14 -15.46
C ILE A 501 -5.70 -21.76 -15.69
N ASP A 502 -5.05 -20.96 -16.54
CA ASP A 502 -5.46 -19.59 -16.81
C ASP A 502 -6.64 -19.56 -17.76
N ILE A 503 -7.85 -19.67 -17.22
CA ILE A 503 -9.02 -19.77 -18.07
C ILE A 503 -9.28 -18.44 -18.75
N LYS A 504 -9.18 -17.37 -17.97
CA LYS A 504 -9.39 -16.04 -18.49
C LYS A 504 -8.52 -15.77 -19.71
N THR A 505 -7.24 -16.07 -19.59
CA THR A 505 -6.34 -15.91 -20.72
C THR A 505 -6.89 -16.69 -21.91
N LEU A 506 -7.21 -17.97 -21.73
CA LEU A 506 -7.69 -18.79 -22.85
C LEU A 506 -8.96 -18.27 -23.52
N ILE A 507 -9.81 -17.57 -22.77
CA ILE A 507 -11.02 -17.01 -23.33
C ILE A 507 -10.72 -15.71 -24.08
N ASN A 508 -9.67 -15.01 -23.67
CA ASN A 508 -9.23 -13.81 -24.38
C ASN A 508 -8.52 -14.13 -25.67
N GLU A 509 -7.65 -15.14 -25.61
CA GLU A 509 -6.86 -15.59 -26.77
C GLU A 509 -7.79 -15.87 -27.99
N VAL A 510 -9.03 -16.29 -27.71
CA VAL A 510 -10.07 -16.47 -28.72
C VAL A 510 -11.14 -15.36 -28.67
N ASN A 511 -10.72 -14.14 -28.32
CA ASN A 511 -11.57 -12.94 -28.22
C ASN A 511 -13.08 -13.19 -28.05
N SER B 2 -3.30 46.71 2.44
CA SER B 2 -3.08 45.26 2.72
C SER B 2 -4.40 44.54 3.04
N LEU B 3 -4.33 43.20 3.06
CA LEU B 3 -5.50 42.34 3.27
C LEU B 3 -5.95 42.34 4.73
N LYS B 4 -7.23 42.60 4.98
CA LYS B 4 -7.73 42.71 6.35
C LYS B 4 -8.44 41.44 6.78
N ASP B 5 -9.14 40.79 5.86
CA ASP B 5 -9.97 39.62 6.21
C ASP B 5 -10.17 38.75 4.98
N MET B 6 -9.88 37.46 5.10
CA MET B 6 -9.98 36.59 3.93
C MET B 6 -11.43 36.51 3.37
N ILE B 7 -12.41 36.30 4.25
CA ILE B 7 -13.82 36.31 3.89
C ILE B 7 -14.26 37.65 3.31
N ASP B 8 -13.94 38.76 3.97
CA ASP B 8 -14.27 40.07 3.38
C ASP B 8 -13.83 40.12 1.92
N SER B 9 -12.64 39.58 1.62
CA SER B 9 -12.08 39.66 0.28
C SER B 9 -12.92 38.91 -0.74
N ILE B 10 -13.32 37.68 -0.43
CA ILE B 10 -14.17 36.95 -1.37
C ILE B 10 -15.58 37.55 -1.47
N GLU B 11 -16.12 38.05 -0.37
CA GLU B 11 -17.36 38.85 -0.35
C GLU B 11 -17.32 40.03 -1.31
N GLN B 12 -16.23 40.80 -1.29
CA GLN B 12 -16.12 41.96 -2.17
C GLN B 12 -16.11 41.47 -3.62
N PHE B 13 -15.38 40.39 -3.89
CA PHE B 13 -15.34 39.83 -5.24
C PHE B 13 -16.70 39.29 -5.70
N ALA B 14 -17.52 38.86 -4.75
CA ALA B 14 -18.88 38.41 -5.08
C ALA B 14 -19.68 39.57 -5.61
N GLN B 15 -19.33 40.79 -5.22
CA GLN B 15 -20.03 41.98 -5.71
C GLN B 15 -19.38 42.51 -6.98
N THR B 16 -18.07 42.56 -6.96
CA THR B 16 -17.27 43.22 -7.94
C THR B 16 -17.12 42.40 -9.23
N GLN B 17 -17.08 41.08 -9.09
CA GLN B 17 -16.85 40.23 -10.22
C GLN B 17 -17.65 38.95 -10.03
N ALA B 18 -18.94 39.13 -9.81
CA ALA B 18 -19.93 38.05 -9.55
C ALA B 18 -19.84 36.82 -10.45
N ASP B 19 -19.55 37.02 -11.74
CA ASP B 19 -19.66 35.97 -12.78
C ASP B 19 -18.28 35.48 -13.24
N PHE B 20 -17.23 36.03 -12.63
CA PHE B 20 -15.89 35.55 -12.87
C PHE B 20 -15.73 34.22 -12.10
N PRO B 21 -15.16 33.20 -12.76
CA PRO B 21 -15.06 31.88 -12.16
C PRO B 21 -13.99 31.80 -11.09
N VAL B 22 -14.33 31.21 -9.95
CA VAL B 22 -13.41 30.98 -8.84
C VAL B 22 -12.94 29.55 -8.92
N TYR B 23 -13.72 28.71 -9.57
CA TYR B 23 -13.38 27.29 -9.60
C TYR B 23 -13.72 26.68 -10.95
N ASP B 24 -12.81 25.84 -11.42
CA ASP B 24 -12.90 25.22 -12.73
C ASP B 24 -12.33 23.80 -12.64
N CYS B 25 -13.20 22.81 -12.76
CA CYS B 25 -12.76 21.43 -12.88
C CYS B 25 -13.06 20.97 -14.32
N LEU B 26 -12.02 20.96 -15.15
CA LEU B 26 -12.12 20.67 -16.61
C LEU B 26 -13.39 21.18 -17.29
N GLY B 27 -13.65 22.49 -17.16
CA GLY B 27 -14.78 23.13 -17.84
C GLY B 27 -16.06 23.25 -17.03
N GLU B 28 -16.18 22.50 -15.94
CA GLU B 28 -17.28 22.67 -14.97
C GLU B 28 -16.91 23.80 -13.96
N ARG B 29 -17.63 24.91 -14.03
CA ARG B 29 -17.15 26.12 -13.32
C ARG B 29 -18.09 26.62 -12.23
N ARG B 30 -17.51 27.29 -11.23
CA ARG B 30 -18.34 28.04 -10.31
C ARG B 30 -17.82 29.47 -10.21
N THR B 31 -18.72 30.41 -9.96
CA THR B 31 -18.35 31.83 -9.94
C THR B 31 -18.22 32.42 -8.52
N TYR B 32 -17.59 33.58 -8.39
CA TYR B 32 -17.57 34.25 -7.06
C TYR B 32 -18.95 34.53 -6.51
N GLY B 33 -19.90 34.80 -7.39
CA GLY B 33 -21.27 35.05 -6.98
C GLY B 33 -21.88 33.79 -6.44
N GLN B 34 -21.57 32.67 -7.08
CA GLN B 34 -22.08 31.34 -6.63
C GLN B 34 -21.43 30.90 -5.31
N LEU B 35 -20.11 31.12 -5.22
CA LEU B 35 -19.40 30.82 -3.97
C LEU B 35 -20.03 31.55 -2.79
N LYS B 36 -20.31 32.83 -2.92
CA LYS B 36 -20.94 33.55 -1.80
C LYS B 36 -22.31 32.98 -1.46
N ARG B 37 -23.17 32.73 -2.46
CA ARG B 37 -24.51 32.19 -2.16
C ARG B 37 -24.45 30.81 -1.49
N ASP B 38 -23.67 29.92 -2.10
CA ASP B 38 -23.47 28.58 -1.60
C ASP B 38 -22.94 28.55 -0.14
N SER B 39 -21.83 29.25 0.09
CA SER B 39 -21.19 29.29 1.41
C SER B 39 -22.08 29.93 2.46
N ASP B 40 -22.79 30.97 2.06
CA ASP B 40 -23.76 31.61 2.92
C ASP B 40 -24.82 30.60 3.33
N SER B 41 -25.27 29.80 2.39
CA SER B 41 -26.36 28.91 2.71
C SER B 41 -25.86 27.70 3.49
N ILE B 42 -24.61 27.31 3.29
CA ILE B 42 -24.09 26.24 4.11
C ILE B 42 -23.82 26.77 5.52
N ALA B 43 -23.42 28.03 5.62
CA ALA B 43 -23.18 28.64 6.92
C ALA B 43 -24.46 28.71 7.75
N ALA B 44 -25.52 29.20 7.14
CA ALA B 44 -26.87 29.15 7.77
C ALA B 44 -27.21 27.74 8.24
N PHE B 45 -26.90 26.75 7.42
CA PHE B 45 -27.16 25.36 7.79
C PHE B 45 -26.34 24.92 9.02
N ILE B 46 -25.05 25.26 9.03
CA ILE B 46 -24.18 24.88 10.14
C ILE B 46 -24.62 25.52 11.45
N ASP B 47 -25.09 26.77 11.36
CA ASP B 47 -25.52 27.50 12.55
C ASP B 47 -26.74 26.84 13.18
N SER B 48 -27.58 26.27 12.34
CA SER B 48 -28.82 25.58 12.77
C SER B 48 -28.56 24.27 13.52
N LEU B 49 -27.32 23.81 13.53
CA LEU B 49 -27.03 22.54 14.16
C LEU B 49 -26.68 22.73 15.62
N ALA B 50 -26.44 23.98 16.03
CA ALA B 50 -26.14 24.35 17.42
C ALA B 50 -24.97 23.55 18.00
N LEU B 51 -23.82 23.67 17.35
CA LEU B 51 -22.61 22.96 17.76
C LEU B 51 -21.90 23.87 18.74
N LEU B 52 -21.01 23.31 19.55
CA LEU B 52 -20.18 24.14 20.39
C LEU B 52 -19.57 25.30 19.61
N ALA B 53 -19.69 26.51 20.17
CA ALA B 53 -19.14 27.71 19.54
C ALA B 53 -17.63 27.53 19.34
N LYS B 54 -17.14 27.97 18.18
CA LYS B 54 -15.70 27.95 17.88
C LYS B 54 -15.07 26.55 17.86
N SER B 55 -15.90 25.50 17.83
CA SER B 55 -15.40 24.14 17.76
C SER B 55 -14.93 23.74 16.35
N PRO B 56 -13.88 22.92 16.26
CA PRO B 56 -13.33 22.48 14.99
C PRO B 56 -14.19 21.42 14.29
N VAL B 57 -14.29 21.51 12.97
CA VAL B 57 -15.10 20.61 12.18
C VAL B 57 -14.20 19.91 11.16
N LEU B 58 -14.33 18.59 11.06
CA LEU B 58 -13.57 17.81 10.11
C LEU B 58 -14.23 17.76 8.72
N VAL B 59 -13.46 18.12 7.69
CA VAL B 59 -13.96 18.09 6.31
C VAL B 59 -13.23 17.06 5.47
N PHE B 60 -13.97 16.00 5.14
CA PHE B 60 -13.37 14.85 4.50
C PHE B 60 -13.69 14.85 3.00
N GLY B 61 -12.68 15.00 2.15
CA GLY B 61 -12.92 15.01 0.72
C GLY B 61 -11.72 15.03 -0.19
N ALA B 62 -11.97 15.41 -1.45
CA ALA B 62 -10.91 15.43 -2.42
C ALA B 62 -10.72 16.90 -2.80
N GLN B 63 -10.91 17.25 -4.07
CA GLN B 63 -10.64 18.61 -4.50
C GLN B 63 -11.84 19.28 -5.18
N THR B 64 -13.04 18.82 -4.84
CA THR B 64 -14.23 19.37 -5.48
C THR B 64 -14.60 20.73 -4.94
N TYR B 65 -15.47 21.41 -5.68
CA TYR B 65 -15.95 22.74 -5.34
C TYR B 65 -16.52 22.75 -3.91
N ASP B 66 -17.23 21.69 -3.57
CA ASP B 66 -17.91 21.64 -2.33
C ASP B 66 -16.95 21.71 -1.15
N MET B 67 -15.69 21.34 -1.35
CA MET B 67 -14.68 21.38 -0.32
C MET B 67 -14.40 22.82 0.01
N LEU B 68 -14.22 23.63 -1.03
CA LEU B 68 -13.98 25.06 -0.90
C LEU B 68 -15.18 25.78 -0.34
N ALA B 69 -16.36 25.48 -0.86
CA ALA B 69 -17.56 26.15 -0.38
C ALA B 69 -17.82 25.77 1.07
N THR B 70 -17.51 24.52 1.44
CA THR B 70 -17.70 24.10 2.84
C THR B 70 -16.69 24.81 3.73
N PHE B 71 -15.46 24.97 3.25
CA PHE B 71 -14.45 25.65 4.04
C PHE B 71 -14.92 27.06 4.37
N VAL B 72 -15.36 27.79 3.33
CA VAL B 72 -15.68 29.20 3.47
C VAL B 72 -16.87 29.35 4.40
N ALA B 73 -17.79 28.41 4.32
CA ALA B 73 -18.98 28.43 5.17
C ALA B 73 -18.63 28.19 6.64
N LEU B 74 -17.66 27.32 6.91
CA LEU B 74 -17.16 27.15 8.29
C LEU B 74 -16.51 28.42 8.84
N THR B 75 -15.63 29.02 8.04
CA THR B 75 -14.97 30.27 8.42
C THR B 75 -16.05 31.31 8.84
N LYS B 76 -17.05 31.51 7.95
CA LYS B 76 -18.11 32.49 8.11
C LYS B 76 -18.84 32.28 9.43
N SER B 77 -19.12 31.02 9.75
CA SER B 77 -19.84 30.68 10.97
C SER B 77 -18.98 30.44 12.17
N GLY B 78 -17.70 30.81 12.15
CA GLY B 78 -16.86 30.72 13.35
C GLY B 78 -16.21 29.39 13.65
N HIS B 79 -16.21 28.46 12.70
CA HIS B 79 -15.51 27.16 12.88
C HIS B 79 -14.26 26.97 12.04
N ALA B 80 -13.19 26.53 12.71
CA ALA B 80 -12.00 26.05 12.04
C ALA B 80 -12.33 24.75 11.31
N TYR B 81 -11.78 24.58 10.11
CA TYR B 81 -11.90 23.26 9.45
C TYR B 81 -10.60 22.46 9.52
N ILE B 82 -10.75 21.14 9.68
CA ILE B 82 -9.70 20.16 9.57
C ILE B 82 -9.83 19.42 8.23
N PRO B 83 -9.01 19.78 7.26
CA PRO B 83 -9.26 19.09 5.99
C PRO B 83 -8.56 17.71 6.01
N VAL B 84 -9.30 16.67 5.67
CA VAL B 84 -8.78 15.30 5.57
C VAL B 84 -9.04 14.77 4.14
N ASP B 85 -8.00 14.28 3.50
CA ASP B 85 -8.07 13.81 2.14
C ASP B 85 -8.52 12.37 2.02
N VAL B 86 -9.16 12.08 0.91
CA VAL B 86 -9.79 10.80 0.66
C VAL B 86 -8.77 9.64 0.58
N HIS B 87 -7.51 9.97 0.31
CA HIS B 87 -6.42 9.01 0.23
C HIS B 87 -5.76 8.68 1.56
N SER B 88 -6.22 9.32 2.63
CA SER B 88 -5.71 9.03 3.96
C SER B 88 -6.03 7.60 4.38
N ALA B 89 -5.10 6.96 5.08
CA ALA B 89 -5.32 5.63 5.67
C ALA B 89 -6.45 5.74 6.69
N PRO B 90 -7.38 4.78 6.71
CA PRO B 90 -8.41 4.81 7.75
C PRO B 90 -7.87 4.96 9.20
N GLU B 91 -6.67 4.44 9.49
CA GLU B 91 -6.12 4.58 10.88
C GLU B 91 -5.74 6.03 11.23
N ARG B 92 -5.24 6.74 10.22
CA ARG B 92 -4.96 8.17 10.29
C ARG B 92 -6.22 9.00 10.64
N ILE B 93 -7.31 8.73 9.94
CA ILE B 93 -8.56 9.44 10.15
C ILE B 93 -9.03 9.26 11.59
N LEU B 94 -9.06 8.00 12.04
CA LEU B 94 -9.41 7.70 13.44
C LEU B 94 -8.55 8.51 14.37
N ALA B 95 -7.23 8.49 14.15
CA ALA B 95 -6.32 9.20 15.04
C ALA B 95 -6.66 10.66 15.05
N ILE B 96 -6.78 11.23 13.85
CA ILE B 96 -7.13 12.64 13.72
C ILE B 96 -8.43 12.93 14.48
N ILE B 97 -9.43 12.07 14.35
CA ILE B 97 -10.63 12.27 15.13
C ILE B 97 -10.36 12.14 16.65
N GLU B 98 -9.58 11.16 17.07
CA GLU B 98 -9.30 10.95 18.50
C GLU B 98 -8.58 12.16 19.11
N ILE B 99 -7.68 12.76 18.34
CA ILE B 99 -6.94 13.90 18.82
C ILE B 99 -7.74 15.16 18.72
N ALA B 100 -8.43 15.38 17.61
CA ALA B 100 -9.05 16.68 17.38
C ALA B 100 -10.41 16.84 18.05
N LYS B 101 -11.09 15.72 18.29
CA LYS B 101 -12.47 15.72 18.79
C LYS B 101 -13.36 16.77 18.06
N PRO B 102 -13.46 16.67 16.71
CA PRO B 102 -14.30 17.58 15.99
C PRO B 102 -15.72 17.50 16.52
N SER B 103 -16.41 18.63 16.55
CA SER B 103 -17.80 18.60 16.97
C SER B 103 -18.71 18.10 15.85
N LEU B 104 -18.15 17.93 14.65
CA LEU B 104 -18.92 17.55 13.45
C LEU B 104 -17.95 17.01 12.41
N ILE B 105 -18.42 16.04 11.64
CA ILE B 105 -17.70 15.58 10.44
C ILE B 105 -18.53 15.86 9.20
N ILE B 106 -17.98 16.59 8.25
CA ILE B 106 -18.64 16.80 6.98
C ILE B 106 -17.94 15.97 5.89
N ALA B 107 -18.70 15.05 5.31
CA ALA B 107 -18.13 14.06 4.41
C ALA B 107 -18.51 14.41 2.98
N ILE B 108 -17.66 15.20 2.31
CA ILE B 108 -17.95 15.70 0.97
C ILE B 108 -17.81 14.52 0.02
N GLU B 109 -16.80 13.69 0.28
CA GLU B 109 -16.68 12.38 -0.35
C GLU B 109 -17.22 11.36 0.66
N GLU B 110 -17.44 10.13 0.20
CA GLU B 110 -18.10 9.11 1.03
C GLU B 110 -17.16 8.65 2.14
N PHE B 111 -17.67 8.75 3.36
CA PHE B 111 -16.88 8.47 4.55
C PHE B 111 -16.60 6.98 4.75
N PRO B 112 -15.32 6.61 4.95
CA PRO B 112 -14.98 5.19 4.97
C PRO B 112 -15.18 4.50 6.32
N LEU B 113 -15.42 5.29 7.37
CA LEU B 113 -15.54 4.76 8.72
C LEU B 113 -16.95 4.85 9.23
N THR B 114 -17.24 4.04 10.24
CA THR B 114 -18.51 4.05 10.93
C THR B 114 -18.29 4.65 12.30
N ILE B 115 -18.88 5.81 12.53
CA ILE B 115 -18.59 6.53 13.76
C ILE B 115 -19.84 6.77 14.60
N GLU B 116 -20.04 5.87 15.56
CA GLU B 116 -20.92 6.15 16.68
C GLU B 116 -20.38 7.35 17.45
N GLY B 117 -21.25 8.31 17.76
CA GLY B 117 -20.92 9.36 18.74
C GLY B 117 -20.31 10.69 18.31
N ILE B 118 -20.46 11.04 17.04
CA ILE B 118 -20.20 12.39 16.51
C ILE B 118 -21.09 12.47 15.29
N SER B 119 -21.78 13.59 15.16
CA SER B 119 -22.69 13.78 14.06
C SER B 119 -21.93 13.76 12.75
N LEU B 120 -22.52 13.13 11.73
CA LEU B 120 -21.96 13.12 10.40
C LEU B 120 -22.92 13.78 9.42
N VAL B 121 -22.42 14.78 8.70
CA VAL B 121 -23.15 15.42 7.62
C VAL B 121 -22.69 14.90 6.26
N SER B 122 -23.66 14.48 5.47
CA SER B 122 -23.41 13.87 4.15
C SER B 122 -23.40 14.90 3.00
N LEU B 123 -22.88 14.47 1.86
CA LEU B 123 -22.84 15.26 0.66
C LEU B 123 -24.23 15.78 0.23
N SER B 124 -25.23 14.89 0.14
CA SER B 124 -26.55 15.30 -0.32
C SER B 124 -27.17 16.28 0.64
N GLU B 125 -26.85 16.15 1.93
CA GLU B 125 -27.23 17.13 2.94
C GLU B 125 -26.55 18.45 2.64
N ILE B 126 -25.27 18.42 2.28
CA ILE B 126 -24.61 19.65 1.83
C ILE B 126 -25.32 20.17 0.58
N GLU B 127 -25.58 19.30 -0.40
CA GLU B 127 -26.32 19.71 -1.61
C GLU B 127 -27.69 20.35 -1.32
N SER B 128 -28.44 19.80 -0.37
CA SER B 128 -29.71 20.39 0.04
C SER B 128 -29.54 21.75 0.68
N ALA B 129 -28.53 21.90 1.53
CA ALA B 129 -28.27 23.22 2.11
C ALA B 129 -27.90 24.26 1.02
N LYS B 130 -27.02 23.88 0.09
CA LYS B 130 -26.68 24.78 -1.01
C LYS B 130 -27.98 25.26 -1.69
N LEU B 131 -28.84 24.27 -1.97
CA LEU B 131 -30.07 24.44 -2.75
C LEU B 131 -31.07 25.42 -2.20
N ALA B 132 -31.21 25.44 -0.88
CA ALA B 132 -32.19 26.29 -0.24
C ALA B 132 -31.82 27.76 -0.33
N GLU B 133 -30.62 28.06 -0.85
CA GLU B 133 -30.11 29.43 -0.92
C GLU B 133 -30.49 30.26 0.31
N MET B 134 -30.20 29.73 1.49
CA MET B 134 -30.50 30.45 2.73
C MET B 134 -29.60 31.68 2.82
N PRO B 135 -30.10 32.79 3.36
CA PRO B 135 -29.22 33.96 3.48
C PRO B 135 -28.38 33.92 4.76
N TYR B 136 -27.38 34.79 4.85
CA TYR B 136 -26.49 34.78 6.00
C TYR B 136 -25.92 36.16 6.36
N GLU B 137 -25.97 36.50 7.64
CA GLU B 137 -25.21 37.64 8.17
C GLU B 137 -24.11 37.13 9.08
N ARG B 138 -22.88 37.51 8.75
CA ARG B 138 -21.73 37.17 9.54
C ARG B 138 -21.79 37.87 10.89
N THR B 139 -21.79 37.07 11.96
CA THR B 139 -21.81 37.62 13.31
C THR B 139 -20.71 37.04 14.16
N HIS B 140 -20.44 35.75 13.97
CA HIS B 140 -19.41 35.09 14.78
C HIS B 140 -18.42 34.34 13.88
N SER B 141 -17.97 35.03 12.82
CA SER B 141 -16.91 34.57 11.93
C SER B 141 -15.58 34.47 12.65
N VAL B 142 -14.77 33.46 12.26
CA VAL B 142 -13.39 33.33 12.74
C VAL B 142 -12.55 34.58 12.48
N LYS B 143 -11.98 35.08 13.58
CA LYS B 143 -11.37 36.41 13.60
C LYS B 143 -10.10 36.38 14.41
N GLY B 144 -9.14 37.24 14.05
CA GLY B 144 -7.89 37.38 14.79
C GLY B 144 -7.18 36.05 15.05
N ASP B 145 -7.01 35.72 16.34
CA ASP B 145 -6.34 34.50 16.76
C ASP B 145 -7.19 33.22 16.75
N ASP B 146 -8.48 33.32 16.40
CA ASP B 146 -9.31 32.10 16.26
C ASP B 146 -8.67 31.22 15.18
N ASN B 147 -8.78 29.91 15.35
CA ASN B 147 -8.27 28.97 14.35
C ASN B 147 -9.10 29.07 13.12
N TYR B 148 -8.41 29.17 11.98
CA TYR B 148 -9.04 29.24 10.69
C TYR B 148 -8.99 27.85 10.10
N TYR B 149 -7.84 27.19 10.22
CA TYR B 149 -7.75 25.76 9.88
C TYR B 149 -6.75 25.03 10.77
N ILE B 150 -6.93 23.73 10.86
CA ILE B 150 -6.01 22.90 11.57
C ILE B 150 -5.49 21.81 10.62
N ILE B 151 -4.20 21.84 10.35
CA ILE B 151 -3.56 20.85 9.48
C ILE B 151 -2.68 19.85 10.21
N PHE B 152 -3.04 18.59 10.00
CA PHE B 152 -2.34 17.48 10.63
C PHE B 152 -1.12 17.09 9.82
N THR B 153 0.02 17.08 10.49
CA THR B 153 1.31 16.74 9.90
C THR B 153 1.31 15.31 9.33
N SER B 154 2.19 15.12 8.35
CA SER B 154 2.35 13.91 7.56
C SER B 154 3.83 13.69 7.39
N GLY B 155 4.20 12.56 6.79
CA GLY B 155 5.58 12.31 6.37
C GLY B 155 6.43 11.85 7.54
N THR B 156 5.88 11.98 8.75
CA THR B 156 6.46 11.43 9.97
C THR B 156 5.72 10.14 10.37
N THR B 157 6.26 9.48 11.40
CA THR B 157 5.55 8.43 12.13
C THR B 157 5.32 8.90 13.57
N GLY B 158 4.57 8.12 14.33
CA GLY B 158 4.08 8.62 15.61
C GLY B 158 2.70 9.16 15.31
N GLN B 159 2.07 9.67 16.35
CA GLN B 159 0.81 10.36 16.21
C GLN B 159 0.93 11.59 15.30
N PRO B 160 -0.06 11.83 14.45
CA PRO B 160 -0.13 13.11 13.73
C PRO B 160 -0.43 14.26 14.69
N LYS B 161 -0.03 15.47 14.31
CA LYS B 161 -0.12 16.62 15.15
C LYS B 161 -0.88 17.64 14.35
N GLY B 162 -1.88 18.25 15.00
CA GLY B 162 -2.71 19.17 14.31
C GLY B 162 -2.23 20.57 14.54
N VAL B 163 -1.68 21.18 13.49
CA VAL B 163 -1.16 22.53 13.58
C VAL B 163 -2.33 23.50 13.43
N GLN B 164 -2.53 24.32 14.44
CA GLN B 164 -3.61 25.30 14.44
C GLN B 164 -3.16 26.61 13.81
N ILE B 165 -3.88 27.03 12.76
CA ILE B 165 -3.50 28.25 12.03
C ILE B 165 -4.61 29.27 12.18
N SER B 166 -4.25 30.45 12.65
CA SER B 166 -5.25 31.47 12.95
C SER B 166 -5.52 32.30 11.70
N HIS B 167 -6.60 33.08 11.74
CA HIS B 167 -6.86 34.09 10.71
C HIS B 167 -5.67 35.07 10.60
N ASP B 168 -5.18 35.54 11.73
CA ASP B 168 -4.00 36.42 11.72
C ASP B 168 -2.77 35.72 11.14
N ASN B 169 -2.52 34.46 11.48
CA ASN B 169 -1.44 33.66 10.84
C ASN B 169 -1.57 33.63 9.31
N LEU B 170 -2.78 33.29 8.87
CA LEU B 170 -3.06 33.16 7.44
C LEU B 170 -2.84 34.47 6.70
N LEU B 171 -3.23 35.57 7.34
CA LEU B 171 -3.12 36.88 6.70
C LEU B 171 -1.67 37.28 6.59
N SER B 172 -0.87 36.93 7.59
CA SER B 172 0.57 37.20 7.52
C SER B 172 1.20 36.48 6.33
N PHE B 173 0.85 35.21 6.14
CA PHE B 173 1.35 34.52 4.99
C PHE B 173 0.83 35.11 3.68
N THR B 174 -0.48 35.34 3.61
CA THR B 174 -1.10 35.70 2.34
C THR B 174 -0.66 37.08 1.88
N ASN B 175 -0.69 38.03 2.79
CA ASN B 175 -0.16 39.37 2.49
C ASN B 175 1.28 39.37 1.97
N TRP B 176 2.13 38.59 2.60
CA TRP B 176 3.49 38.49 2.15
C TRP B 176 3.51 37.98 0.72
N MET B 177 2.78 36.90 0.47
CA MET B 177 2.87 36.27 -0.85
C MET B 177 2.44 37.23 -1.96
N ILE B 178 1.35 37.96 -1.76
CA ILE B 178 0.82 38.76 -2.85
C ILE B 178 1.55 40.10 -2.95
N GLU B 179 2.42 40.38 -1.98
CA GLU B 179 3.18 41.59 -1.99
C GLU B 179 4.61 41.31 -2.43
N ASP B 180 4.96 40.04 -2.47
CA ASP B 180 6.34 39.67 -2.67
C ASP B 180 6.75 39.79 -4.13
N ALA B 181 7.93 40.32 -4.36
CA ALA B 181 8.45 40.53 -5.71
C ALA B 181 8.90 39.22 -6.39
N ALA B 182 9.38 38.27 -5.60
CA ALA B 182 9.74 37.01 -6.22
C ALA B 182 8.46 36.31 -6.78
N PHE B 183 7.48 36.03 -5.92
CA PHE B 183 6.24 35.39 -6.38
C PHE B 183 5.57 36.23 -7.49
N ASP B 184 5.46 37.54 -7.27
CA ASP B 184 4.98 38.50 -8.29
C ASP B 184 3.67 37.96 -8.86
N VAL B 185 2.65 37.84 -7.99
CA VAL B 185 1.41 37.19 -8.36
C VAL B 185 0.55 38.15 -9.13
N PRO B 186 0.13 37.76 -10.35
CA PRO B 186 -0.77 38.55 -11.17
C PRO B 186 -2.15 38.73 -10.52
N LYS B 187 -2.86 39.79 -10.93
CA LYS B 187 -4.27 39.98 -10.63
C LYS B 187 -5.08 38.80 -11.20
N GLN B 188 -6.10 38.37 -10.46
CA GLN B 188 -6.98 37.27 -10.88
C GLN B 188 -6.20 36.04 -11.33
N PRO B 189 -5.27 35.55 -10.48
CA PRO B 189 -4.36 34.53 -10.99
C PRO B 189 -5.07 33.21 -11.30
N GLN B 190 -4.59 32.54 -12.34
CA GLN B 190 -5.17 31.31 -12.83
C GLN B 190 -4.23 30.21 -12.38
N MET B 191 -4.65 29.47 -11.35
CA MET B 191 -3.67 28.64 -10.63
C MET B 191 -4.08 27.17 -10.69
N LEU B 192 -3.16 26.31 -11.12
CA LEU B 192 -3.34 24.87 -10.94
C LEU B 192 -3.60 24.60 -9.45
N ALA B 193 -4.52 23.70 -9.12
CA ALA B 193 -4.80 23.40 -7.71
C ALA B 193 -4.54 21.93 -7.50
N GLN B 194 -3.29 21.54 -7.49
CA GLN B 194 -2.95 20.13 -7.48
C GLN B 194 -2.80 19.47 -6.09
N PRO B 195 -2.01 20.10 -5.17
CA PRO B 195 -1.83 19.54 -3.85
C PRO B 195 -3.15 19.47 -3.12
N PRO B 196 -3.44 18.31 -2.51
CA PRO B 196 -4.63 18.06 -1.70
C PRO B 196 -4.75 19.11 -0.59
N TYR B 197 -5.98 19.39 -0.14
CA TYR B 197 -6.23 20.37 0.89
C TYR B 197 -5.79 19.93 2.27
N SER B 198 -5.50 18.65 2.42
CA SER B 198 -4.89 18.17 3.66
C SER B 198 -3.41 18.58 3.82
N PHE B 199 -2.76 19.10 2.79
CA PHE B 199 -1.39 19.59 2.91
C PHE B 199 -1.42 21.11 2.93
N ASP B 200 -0.56 21.77 3.70
CA ASP B 200 -0.67 23.22 3.71
C ASP B 200 -0.08 23.91 2.47
N LEU B 201 0.63 23.15 1.65
CA LEU B 201 1.04 23.63 0.35
C LEU B 201 -0.20 24.08 -0.45
N SER B 202 -1.34 23.43 -0.24
CA SER B 202 -2.58 23.90 -0.90
C SER B 202 -2.94 25.36 -0.66
N VAL B 203 -2.59 25.87 0.54
CA VAL B 203 -2.81 27.27 0.90
C VAL B 203 -2.07 28.21 -0.04
N MET B 204 -0.94 27.77 -0.56
CA MET B 204 -0.13 28.54 -1.50
C MET B 204 -0.83 28.68 -2.84
N TYR B 205 -1.84 27.87 -3.14
CA TYR B 205 -2.73 28.25 -4.24
C TYR B 205 -4.02 28.90 -3.79
N TRP B 206 -4.68 28.38 -2.76
CA TRP B 206 -6.02 28.93 -2.55
C TRP B 206 -6.04 30.37 -2.00
N ALA B 207 -5.14 30.68 -1.06
CA ALA B 207 -5.23 31.93 -0.34
C ALA B 207 -4.97 33.10 -1.28
N PRO B 208 -3.84 33.05 -2.02
CA PRO B 208 -3.53 34.09 -2.99
C PRO B 208 -4.60 34.19 -4.05
N THR B 209 -5.04 33.07 -4.58
CA THR B 209 -6.09 33.09 -5.61
C THR B 209 -7.36 33.82 -5.09
N LEU B 210 -7.79 33.47 -3.88
CA LEU B 210 -9.04 34.05 -3.39
C LEU B 210 -8.85 35.49 -2.97
N ALA B 211 -7.63 35.83 -2.52
CA ALA B 211 -7.27 37.19 -2.14
C ALA B 211 -7.18 38.10 -3.36
N LEU B 212 -6.92 37.53 -4.53
CA LEU B 212 -6.72 38.32 -5.74
C LEU B 212 -7.80 38.11 -6.81
N GLY B 213 -8.84 37.35 -6.45
CA GLY B 213 -10.02 37.11 -7.33
C GLY B 213 -9.71 36.24 -8.54
N GLY B 214 -8.75 35.32 -8.37
CA GLY B 214 -8.35 34.36 -9.39
C GLY B 214 -9.25 33.15 -9.51
N THR B 215 -8.78 32.17 -10.27
CA THR B 215 -9.50 30.94 -10.56
C THR B 215 -8.64 29.73 -10.20
N LEU B 216 -9.25 28.74 -9.57
CA LEU B 216 -8.58 27.46 -9.27
C LEU B 216 -8.90 26.42 -10.30
N PHE B 217 -7.87 25.74 -10.78
CA PHE B 217 -8.08 24.59 -11.68
C PHE B 217 -7.87 23.27 -10.95
N ALA B 218 -8.95 22.56 -10.66
CA ALA B 218 -8.83 21.32 -9.90
C ALA B 218 -8.93 20.13 -10.83
N LEU B 219 -8.36 19.02 -10.39
CA LEU B 219 -8.40 17.81 -11.17
C LEU B 219 -9.35 16.81 -10.49
N PRO B 220 -10.07 16.02 -11.30
CA PRO B 220 -10.92 14.96 -10.72
C PRO B 220 -10.11 13.92 -9.95
N LYS B 221 -10.69 13.39 -8.88
CA LYS B 221 -9.98 12.48 -7.99
C LYS B 221 -9.51 11.20 -8.67
N GLU B 222 -10.23 10.76 -9.71
CA GLU B 222 -9.91 9.51 -10.39
C GLU B 222 -8.63 9.61 -11.21
N LEU B 223 -8.25 10.84 -11.55
CA LEU B 223 -7.04 11.09 -12.34
C LEU B 223 -5.71 10.91 -11.58
N VAL B 224 -5.60 11.42 -10.36
CA VAL B 224 -4.33 11.42 -9.61
C VAL B 224 -3.92 9.98 -9.25
N ALA B 225 -2.69 9.61 -9.60
CA ALA B 225 -2.24 8.18 -9.62
C ALA B 225 -2.57 7.35 -10.90
N ASP B 226 -3.15 8.02 -11.92
CA ASP B 226 -3.12 7.56 -13.33
C ASP B 226 -2.28 8.57 -14.12
N PHE B 227 -0.97 8.44 -14.01
CA PHE B 227 -0.03 9.52 -14.38
C PHE B 227 0.02 10.01 -15.81
N LYS B 228 -0.06 9.10 -16.78
CA LYS B 228 -0.02 9.56 -18.18
C LYS B 228 -1.21 10.47 -18.50
N GLN B 229 -2.42 9.95 -18.33
CA GLN B 229 -3.64 10.75 -18.55
C GLN B 229 -3.66 12.06 -17.72
N LEU B 230 -3.04 12.02 -16.54
CA LEU B 230 -2.96 13.16 -15.64
C LEU B 230 -2.29 14.38 -16.27
N PHE B 231 -1.04 14.23 -16.67
CA PHE B 231 -0.31 15.35 -17.22
C PHE B 231 -0.83 15.79 -18.58
N THR B 232 -1.39 14.86 -19.35
CA THR B 232 -1.98 15.22 -20.64
C THR B 232 -3.21 16.11 -20.43
N THR B 233 -4.00 15.74 -19.44
CA THR B 233 -5.14 16.54 -19.00
C THR B 233 -4.75 17.92 -18.46
N ILE B 234 -3.66 18.00 -17.70
CA ILE B 234 -3.23 19.25 -17.10
C ILE B 234 -2.87 20.24 -18.20
N ALA B 235 -2.19 19.73 -19.22
CA ALA B 235 -1.81 20.54 -20.37
C ALA B 235 -2.99 21.09 -21.17
N GLN B 236 -4.17 20.51 -20.99
CA GLN B 236 -5.38 21.08 -21.58
C GLN B 236 -5.76 22.36 -20.83
N LEU B 237 -5.37 22.47 -19.56
CA LEU B 237 -5.86 23.56 -18.69
C LEU B 237 -5.13 24.89 -18.90
N PRO B 238 -5.89 25.99 -18.96
CA PRO B 238 -5.27 27.30 -19.17
C PRO B 238 -4.71 27.87 -17.83
N VAL B 239 -3.68 27.23 -17.29
CA VAL B 239 -3.09 27.65 -16.02
C VAL B 239 -1.88 28.56 -16.19
N GLY B 240 -1.95 29.74 -15.56
CA GLY B 240 -0.80 30.66 -15.49
C GLY B 240 0.20 30.17 -14.46
N ILE B 241 -0.27 29.44 -13.46
CA ILE B 241 0.56 29.21 -12.28
C ILE B 241 0.49 27.78 -11.75
N TRP B 242 1.67 27.20 -11.58
CA TRP B 242 1.82 25.83 -11.17
C TRP B 242 2.52 25.80 -9.81
N THR B 243 1.80 25.26 -8.84
CA THR B 243 2.24 25.07 -7.48
C THR B 243 2.23 23.60 -7.10
N SER B 244 3.41 23.06 -6.83
CA SER B 244 3.48 21.69 -6.39
C SER B 244 4.81 21.49 -5.64
N THR B 245 5.01 20.29 -5.13
CA THR B 245 6.33 19.88 -4.71
C THR B 245 7.23 19.74 -5.94
N PRO B 246 8.54 19.81 -5.72
CA PRO B 246 9.51 19.54 -6.75
C PRO B 246 9.34 18.10 -7.29
N SER B 247 9.03 17.19 -6.39
CA SER B 247 8.82 15.79 -6.72
C SER B 247 7.79 15.64 -7.83
N PHE B 248 6.72 16.41 -7.73
CA PHE B 248 5.62 16.28 -8.66
C PHE B 248 6.06 16.80 -10.01
N ALA B 249 6.87 17.85 -9.99
CA ALA B 249 7.37 18.44 -11.22
C ALA B 249 8.33 17.45 -11.90
N ASP B 250 9.04 16.63 -11.12
CA ASP B 250 9.90 15.58 -11.66
C ASP B 250 9.10 14.57 -12.46
N MET B 251 7.95 14.15 -11.95
CA MET B 251 7.10 13.19 -12.66
C MET B 251 6.59 13.81 -13.97
N ALA B 252 6.16 15.07 -13.90
CA ALA B 252 5.61 15.76 -15.06
C ALA B 252 6.66 15.91 -16.15
N MET B 253 7.92 15.91 -15.75
CA MET B 253 9.05 16.08 -16.65
C MET B 253 9.21 14.88 -17.62
N LEU B 254 8.34 13.88 -17.48
CA LEU B 254 8.40 12.65 -18.26
C LEU B 254 7.14 12.51 -19.12
N SER B 255 6.48 13.64 -19.35
CA SER B 255 5.36 13.74 -20.25
C SER B 255 5.79 14.78 -21.27
N ASP B 256 5.62 14.51 -22.56
CA ASP B 256 6.00 15.55 -23.54
C ASP B 256 4.90 16.57 -23.71
N ASP B 257 3.79 16.37 -23.02
CA ASP B 257 2.82 17.45 -22.89
C ASP B 257 3.27 18.52 -21.87
N PHE B 258 4.22 18.17 -20.99
CA PHE B 258 4.75 19.14 -20.01
C PHE B 258 5.82 20.02 -20.65
N CYS B 259 5.37 21.00 -21.44
CA CYS B 259 6.27 22.00 -22.04
C CYS B 259 5.56 23.27 -22.52
N GLN B 260 6.36 24.32 -22.69
CA GLN B 260 5.89 25.63 -23.12
C GLN B 260 4.95 25.51 -24.31
N ALA B 261 5.36 24.73 -25.31
CA ALA B 261 4.59 24.60 -26.55
C ALA B 261 3.15 24.16 -26.29
N LYS B 262 2.98 23.09 -25.50
CA LYS B 262 1.66 22.56 -25.15
C LYS B 262 0.97 23.33 -24.02
N MET B 263 1.75 24.12 -23.25
CA MET B 263 1.25 24.87 -22.08
C MET B 263 1.64 26.33 -22.17
N PRO B 264 1.17 27.04 -23.23
CA PRO B 264 1.61 28.40 -23.54
C PRO B 264 1.23 29.44 -22.47
N ALA B 265 0.21 29.11 -21.67
CA ALA B 265 -0.29 30.05 -20.67
C ALA B 265 0.57 30.13 -19.40
N LEU B 266 1.44 29.14 -19.20
CA LEU B 266 2.16 28.95 -17.94
C LEU B 266 3.42 29.81 -17.78
N THR B 267 3.41 30.73 -16.81
CA THR B 267 4.53 31.66 -16.56
C THR B 267 5.31 31.44 -15.24
N HIS B 268 4.67 30.88 -14.21
CA HIS B 268 5.26 30.71 -12.85
C HIS B 268 5.14 29.32 -12.25
N PHE B 269 6.27 28.85 -11.71
CA PHE B 269 6.33 27.66 -10.91
C PHE B 269 6.66 28.03 -9.49
N TYR B 270 5.81 27.64 -8.54
CA TYR B 270 6.11 27.85 -7.12
C TYR B 270 6.39 26.52 -6.46
N PHE B 271 7.56 26.41 -5.86
CA PHE B 271 7.93 25.20 -5.19
C PHE B 271 8.09 25.35 -3.68
N ASP B 272 7.69 24.31 -2.96
CA ASP B 272 7.85 24.28 -1.53
C ASP B 272 7.78 22.81 -1.16
N GLY B 273 8.34 22.44 -0.02
CA GLY B 273 8.09 21.11 0.55
C GLY B 273 9.22 20.09 0.65
N GLU B 274 10.07 20.08 -0.36
CA GLU B 274 11.15 19.11 -0.46
C GLU B 274 12.22 19.93 -1.14
N GLU B 275 13.44 19.41 -1.17
CA GLU B 275 14.49 20.07 -1.90
C GLU B 275 14.08 20.27 -3.35
N LEU B 276 14.34 21.48 -3.86
CA LEU B 276 14.29 21.66 -5.30
C LEU B 276 15.72 21.53 -5.77
N THR B 277 15.99 20.53 -6.60
CA THR B 277 17.35 20.26 -7.08
C THR B 277 17.77 21.26 -8.14
N VAL B 278 19.08 21.48 -8.24
CA VAL B 278 19.65 22.12 -9.42
C VAL B 278 19.17 21.40 -10.69
N SER B 279 19.28 20.06 -10.72
CA SER B 279 18.76 19.27 -11.85
C SER B 279 17.39 19.73 -12.26
N THR B 280 16.43 19.65 -11.33
CA THR B 280 15.06 19.97 -11.65
C THR B 280 14.96 21.36 -12.28
N ALA B 281 15.64 22.35 -11.67
CA ALA B 281 15.54 23.71 -12.15
C ALA B 281 16.04 23.82 -13.59
N ARG B 282 17.16 23.15 -13.84
CA ARG B 282 17.76 23.05 -15.16
C ARG B 282 16.76 22.46 -16.16
N LYS B 283 16.15 21.34 -15.81
CA LYS B 283 15.22 20.73 -16.72
C LYS B 283 13.90 21.51 -16.87
N LEU B 284 13.55 22.32 -15.87
CA LEU B 284 12.41 23.23 -15.97
C LEU B 284 12.66 24.35 -16.93
N PHE B 285 13.85 24.97 -16.81
CA PHE B 285 14.31 26.00 -17.76
C PHE B 285 14.42 25.49 -19.21
N GLU B 286 14.66 24.19 -19.39
CA GLU B 286 14.70 23.58 -20.71
C GLU B 286 13.29 23.56 -21.33
N ARG B 287 12.34 23.11 -20.51
CA ARG B 287 10.98 22.85 -20.95
C ARG B 287 10.16 24.14 -21.09
N PHE B 288 10.50 25.14 -20.27
CA PHE B 288 9.80 26.41 -20.25
C PHE B 288 10.80 27.54 -20.09
N PRO B 289 11.56 27.85 -21.16
CA PRO B 289 12.64 28.82 -20.97
C PRO B 289 12.16 30.19 -20.48
N SER B 290 10.95 30.58 -20.84
CA SER B 290 10.44 31.91 -20.44
C SER B 290 9.76 31.97 -19.05
N ALA B 291 9.85 30.89 -18.28
CA ALA B 291 9.13 30.78 -16.99
C ALA B 291 9.99 31.15 -15.77
N LYS B 292 9.33 31.72 -14.75
CA LYS B 292 9.98 32.09 -13.51
C LYS B 292 9.85 30.96 -12.52
N ILE B 293 10.94 30.69 -11.81
CA ILE B 293 10.90 29.64 -10.84
C ILE B 293 11.11 30.25 -9.48
N ILE B 294 10.18 29.98 -8.57
CA ILE B 294 10.26 30.45 -7.19
C ILE B 294 10.45 29.24 -6.30
N ASN B 295 11.47 29.31 -5.47
CA ASN B 295 11.67 28.28 -4.49
C ASN B 295 11.30 28.91 -3.17
N ALA B 296 10.44 28.23 -2.41
CA ALA B 296 10.02 28.68 -1.08
C ALA B 296 10.26 27.60 -0.03
N TYR B 297 10.10 27.98 1.25
CA TYR B 297 10.45 27.11 2.36
C TYR B 297 9.81 27.51 3.67
N GLY B 298 9.43 26.50 4.45
CA GLY B 298 9.14 26.65 5.85
C GLY B 298 8.19 25.60 6.39
N PRO B 299 8.11 25.47 7.71
CA PRO B 299 7.29 24.47 8.34
C PRO B 299 5.77 24.82 8.27
N THR B 300 4.91 23.84 8.45
CA THR B 300 3.49 24.10 8.55
C THR B 300 3.22 24.92 9.78
N GLU B 301 4.06 24.74 10.80
CA GLU B 301 3.96 25.46 12.06
C GLU B 301 4.16 27.00 11.94
N ALA B 302 4.73 27.51 10.85
CA ALA B 302 4.82 28.97 10.66
C ALA B 302 4.05 29.44 9.39
N THR B 303 2.91 28.80 9.13
CA THR B 303 2.03 29.11 8.00
C THR B 303 2.72 29.00 6.63
N VAL B 304 2.90 27.75 6.21
CA VAL B 304 3.16 27.43 4.81
C VAL B 304 4.59 27.68 4.33
N ALA B 305 5.01 28.94 4.34
CA ALA B 305 6.36 29.29 3.95
C ALA B 305 6.83 30.52 4.70
N LEU B 306 8.12 30.54 5.01
CA LEU B 306 8.70 31.70 5.67
C LEU B 306 9.70 32.41 4.80
N SER B 307 10.08 31.79 3.68
CA SER B 307 11.04 32.43 2.80
C SER B 307 10.88 32.01 1.34
N ALA B 308 11.23 32.89 0.42
CA ALA B 308 11.04 32.60 -0.98
C ALA B 308 12.10 33.24 -1.85
N ILE B 309 12.47 32.59 -2.96
CA ILE B 309 13.50 33.12 -3.85
C ILE B 309 13.38 32.69 -5.31
N GLU B 310 13.36 33.68 -6.20
CA GLU B 310 13.39 33.41 -7.64
C GLU B 310 14.68 32.69 -7.97
N ILE B 311 14.58 31.59 -8.68
CA ILE B 311 15.74 30.84 -9.12
C ILE B 311 16.08 31.26 -10.55
N THR B 312 17.28 31.81 -10.74
CA THR B 312 17.77 32.32 -12.02
C THR B 312 18.59 31.25 -12.71
N ARG B 313 18.85 31.44 -14.00
CA ARG B 313 19.70 30.49 -14.75
C ARG B 313 21.20 30.61 -14.34
N GLU B 314 21.61 31.77 -13.82
CA GLU B 314 22.95 31.92 -13.27
C GLU B 314 23.06 30.92 -12.15
N MET B 315 22.16 31.04 -11.17
CA MET B 315 22.07 30.13 -10.03
C MET B 315 22.20 28.65 -10.40
N VAL B 316 21.47 28.22 -11.42
CA VAL B 316 21.53 26.85 -11.89
C VAL B 316 22.95 26.49 -12.33
N ASP B 317 23.61 27.42 -12.99
CA ASP B 317 24.94 27.16 -13.51
C ASP B 317 26.01 27.01 -12.40
N ASN B 318 25.99 27.92 -11.43
CA ASN B 318 27.07 28.06 -10.44
C ASN B 318 26.92 27.28 -9.13
N TYR B 319 25.75 27.38 -8.49
CA TYR B 319 25.44 26.69 -7.24
C TYR B 319 25.31 25.15 -7.38
N THR B 320 25.51 24.41 -6.28
CA THR B 320 25.28 22.95 -6.26
C THR B 320 24.00 22.61 -5.49
N ARG B 321 23.65 23.49 -4.56
CA ARG B 321 22.40 23.42 -3.81
C ARG B 321 21.71 24.78 -3.97
N LEU B 322 20.44 24.76 -4.35
CA LEU B 322 19.70 26.00 -4.52
C LEU B 322 19.36 26.60 -3.16
N PRO B 323 19.41 27.93 -3.05
CA PRO B 323 19.00 28.65 -1.84
C PRO B 323 17.49 28.50 -1.55
N ILE B 324 17.12 28.73 -0.28
CA ILE B 324 15.73 28.62 0.19
C ILE B 324 15.08 29.96 0.56
N GLY B 325 15.83 31.05 0.41
CA GLY B 325 15.21 32.35 0.10
C GLY B 325 15.29 33.48 1.09
N TYR B 326 14.58 34.56 0.75
CA TYR B 326 14.51 35.77 1.57
C TYR B 326 13.44 35.61 2.62
N PRO B 327 13.83 35.64 3.90
CA PRO B 327 12.88 35.51 4.99
C PRO B 327 11.83 36.59 4.85
N LYS B 328 10.65 36.41 5.42
CA LYS B 328 9.66 37.43 5.19
C LYS B 328 9.76 38.62 6.16
N PRO B 329 9.56 39.85 5.63
CA PRO B 329 9.70 41.13 6.33
C PRO B 329 9.09 41.14 7.72
N ASP B 330 7.96 40.44 7.90
CA ASP B 330 7.24 40.45 9.17
C ASP B 330 7.53 39.23 10.02
N SER B 331 8.39 38.34 9.52
CA SER B 331 8.71 37.10 10.28
C SER B 331 10.19 36.95 10.51
N PRO B 332 10.73 37.66 11.52
CA PRO B 332 12.16 37.62 11.82
C PRO B 332 12.59 36.20 12.06
N THR B 333 13.57 35.78 11.28
CA THR B 333 14.02 34.41 11.27
C THR B 333 15.47 34.43 11.70
N TYR B 334 15.86 33.53 12.60
CA TYR B 334 17.22 33.55 13.11
C TYR B 334 17.94 32.23 12.95
N ILE B 335 19.27 32.30 12.87
CA ILE B 335 20.12 31.14 13.04
C ILE B 335 20.64 31.18 14.48
N ILE B 336 20.26 30.20 15.31
CA ILE B 336 20.75 30.16 16.67
C ILE B 336 21.81 29.08 16.87
N ASP B 337 22.64 29.24 17.93
CA ASP B 337 23.60 28.22 18.36
C ASP B 337 22.99 27.32 19.41
N GLU B 338 23.79 26.40 19.94
CA GLU B 338 23.41 25.49 21.05
C GLU B 338 22.91 26.20 22.33
N ASP B 339 23.36 27.44 22.54
CA ASP B 339 22.97 28.23 23.72
C ASP B 339 21.69 29.04 23.49
N GLY B 340 21.12 28.93 22.29
CA GLY B 340 19.97 29.76 21.95
C GLY B 340 20.36 31.17 21.55
N LYS B 341 21.65 31.40 21.31
CA LYS B 341 22.12 32.73 20.93
C LYS B 341 22.21 32.92 19.41
N GLU B 342 21.93 34.13 18.97
CA GLU B 342 21.90 34.48 17.56
C GLU B 342 23.33 34.49 16.99
N LEU B 343 23.51 33.88 15.82
CA LEU B 343 24.81 33.84 15.16
C LEU B 343 24.86 34.89 14.05
N SER B 344 25.93 34.90 13.26
CA SER B 344 26.00 35.87 12.17
C SER B 344 26.44 35.23 10.88
N SER B 345 26.30 36.02 9.80
CA SER B 345 26.49 35.54 8.43
C SER B 345 27.41 34.35 8.29
N GLY B 346 26.89 33.33 7.62
CA GLY B 346 27.68 32.18 7.23
C GLY B 346 27.74 31.12 8.31
N GLU B 347 27.53 31.50 9.56
CA GLU B 347 27.55 30.54 10.67
C GLU B 347 26.30 29.63 10.63
N GLN B 348 26.52 28.34 10.79
CA GLN B 348 25.44 27.37 10.83
C GLN B 348 24.91 27.20 12.23
N GLY B 349 23.60 26.99 12.33
CA GLY B 349 22.91 26.67 13.56
C GLY B 349 21.45 26.46 13.19
N GLU B 350 20.60 26.34 14.19
CA GLU B 350 19.21 26.02 13.96
C GLU B 350 18.50 27.20 13.36
N ILE B 351 17.65 26.93 12.37
CA ILE B 351 16.77 27.95 11.85
C ILE B 351 15.60 28.03 12.81
N ILE B 352 15.26 29.21 13.25
CA ILE B 352 14.05 29.38 14.07
C ILE B 352 13.26 30.56 13.51
N VAL B 353 11.97 30.56 13.77
CA VAL B 353 11.13 31.56 13.15
C VAL B 353 10.25 32.18 14.22
N THR B 354 9.94 33.44 14.05
CA THR B 354 9.16 34.17 15.06
C THR B 354 8.18 35.04 14.33
N GLY B 355 7.19 35.59 15.05
CA GLY B 355 6.33 36.62 14.44
C GLY B 355 4.87 36.22 14.42
N PRO B 356 4.04 36.99 13.68
CA PRO B 356 2.56 36.83 13.64
C PRO B 356 2.07 35.61 12.83
N ALA B 357 2.97 34.97 12.10
CA ALA B 357 2.64 33.73 11.35
C ALA B 357 2.90 32.44 12.12
N VAL B 358 3.53 32.51 13.29
CA VAL B 358 3.82 31.31 14.10
C VAL B 358 2.57 30.77 14.78
N SER B 359 2.33 29.48 14.64
CA SER B 359 1.14 28.82 15.21
C SER B 359 1.07 28.88 16.75
N LYS B 360 -0.11 29.05 17.32
CA LYS B 360 -0.29 28.85 18.77
C LYS B 360 0.11 27.42 19.23
N GLY B 361 0.47 26.54 18.30
CA GLY B 361 0.82 25.15 18.67
C GLY B 361 -0.13 24.06 18.18
N TYR B 362 -0.02 22.86 18.77
CA TYR B 362 -0.72 21.65 18.32
C TYR B 362 -1.94 21.40 19.14
N LEU B 363 -3.03 21.10 18.43
CA LEU B 363 -4.34 20.88 19.03
C LEU B 363 -4.36 19.71 19.99
N ASN B 364 -4.68 20.02 21.25
CA ASN B 364 -4.76 19.03 22.32
C ASN B 364 -3.48 18.22 22.57
N ASN B 365 -2.35 18.80 22.18
CA ASN B 365 -1.03 18.18 22.41
C ASN B 365 0.00 19.16 23.02
N PRO B 366 -0.17 19.49 24.31
CA PRO B 366 0.68 20.46 25.01
C PRO B 366 2.14 19.98 25.16
N GLU B 367 2.36 18.70 25.36
CA GLU B 367 3.70 18.16 25.53
C GLU B 367 4.56 18.59 24.31
N LYS B 368 4.13 18.16 23.11
CA LYS B 368 4.81 18.48 21.86
C LYS B 368 4.83 19.97 21.56
N THR B 369 3.74 20.67 21.83
CA THR B 369 3.79 22.13 21.76
C THR B 369 4.97 22.72 22.54
N ALA B 370 5.14 22.28 23.78
CA ALA B 370 6.21 22.83 24.62
C ALA B 370 7.58 22.45 24.12
N GLU B 371 7.74 21.30 23.48
CA GLU B 371 9.06 20.97 22.94
C GLU B 371 9.50 21.89 21.79
N ALA B 372 8.56 22.43 21.02
CA ALA B 372 8.97 23.06 19.74
C ALA B 372 8.67 24.54 19.64
N PHE B 373 7.72 24.99 20.45
CA PHE B 373 7.33 26.39 20.48
C PHE B 373 7.88 27.01 21.74
N PHE B 374 8.36 28.23 21.61
CA PHE B 374 9.07 28.89 22.69
C PHE B 374 9.11 30.37 22.41
N THR B 375 9.71 31.13 23.31
CA THR B 375 9.69 32.57 23.22
C THR B 375 11.12 32.99 22.92
N PHE B 376 11.28 33.80 21.87
CA PHE B 376 12.58 34.33 21.47
C PHE B 376 12.51 35.85 21.31
N LYS B 377 13.57 36.54 21.75
CA LYS B 377 13.55 38.02 21.87
C LYS B 377 12.13 38.56 22.13
N GLY B 378 11.41 37.98 23.09
CA GLY B 378 10.03 38.40 23.35
C GLY B 378 8.94 37.79 22.48
N GLN B 379 9.17 37.69 21.16
CA GLN B 379 8.16 37.19 20.20
C GLN B 379 7.85 35.68 20.31
N PRO B 380 6.66 35.25 19.87
CA PRO B 380 6.44 33.80 19.77
C PRO B 380 7.37 33.15 18.72
N ALA B 381 7.86 31.94 18.97
CA ALA B 381 8.91 31.36 18.15
C ALA B 381 8.79 29.85 17.98
N TYR B 382 9.39 29.36 16.90
CA TYR B 382 9.30 27.94 16.59
C TYR B 382 10.66 27.37 16.18
N HIS B 383 11.01 26.22 16.75
CA HIS B 383 12.21 25.46 16.35
C HIS B 383 11.89 24.66 15.05
N THR B 384 12.53 24.98 13.93
CA THR B 384 12.27 24.24 12.70
C THR B 384 12.85 22.82 12.75
N GLY B 385 13.94 22.65 13.48
CA GLY B 385 14.68 21.41 13.53
C GLY B 385 15.68 21.33 12.39
N ASP B 386 15.81 22.40 11.60
CA ASP B 386 16.69 22.46 10.43
C ASP B 386 17.95 23.30 10.73
N ILE B 387 19.07 22.83 10.18
CA ILE B 387 20.32 23.54 10.20
C ILE B 387 20.40 24.39 8.94
N GLY B 388 20.90 25.61 9.08
CA GLY B 388 21.15 26.41 7.90
C GLY B 388 21.92 27.63 8.31
N SER B 389 21.92 28.63 7.43
CA SER B 389 22.65 29.88 7.62
C SER B 389 22.04 31.04 6.82
N LEU B 390 22.40 32.26 7.24
CA LEU B 390 22.05 33.51 6.52
C LEU B 390 23.23 34.16 5.80
N THR B 391 23.06 34.33 4.49
CA THR B 391 24.00 35.06 3.65
C THR B 391 24.15 36.53 4.08
N GLU B 392 25.16 37.22 3.56
CA GLU B 392 25.35 38.63 3.86
C GLU B 392 24.13 39.45 3.42
N ASP B 393 23.65 39.21 2.19
CA ASP B 393 22.43 39.87 1.70
C ASP B 393 21.12 39.14 2.05
N ASN B 394 21.13 38.45 3.19
CA ASN B 394 19.92 37.97 3.86
C ASN B 394 19.22 36.83 3.12
N ILE B 395 20.01 35.97 2.50
CA ILE B 395 19.45 34.75 1.92
C ILE B 395 19.69 33.58 2.86
N LEU B 396 18.62 32.81 3.08
CA LEU B 396 18.65 31.65 3.93
C LEU B 396 19.12 30.46 3.11
N LEU B 397 20.09 29.72 3.63
CA LEU B 397 20.63 28.53 2.95
C LEU B 397 20.40 27.28 3.84
N TYR B 398 20.07 26.15 3.22
CA TYR B 398 19.70 24.94 3.97
C TYR B 398 20.91 24.05 4.16
N GLY B 399 21.17 23.66 5.39
CA GLY B 399 22.38 22.88 5.66
C GLY B 399 22.18 21.46 6.19
N GLY B 400 20.93 21.05 6.41
CA GLY B 400 20.59 19.74 6.95
C GLY B 400 19.62 19.76 8.13
N ARG B 401 19.52 18.62 8.81
CA ARG B 401 18.63 18.48 9.93
C ARG B 401 19.40 18.39 11.24
N LEU B 402 18.95 19.09 12.26
CA LEU B 402 19.63 19.09 13.57
C LEU B 402 19.91 17.71 14.18
N ASP B 403 18.93 16.81 14.07
CA ASP B 403 19.04 15.42 14.49
C ASP B 403 20.21 14.65 13.88
N PHE B 404 20.72 15.12 12.74
CA PHE B 404 21.78 14.38 12.03
C PHE B 404 23.10 15.11 12.09
N GLN B 405 23.18 16.03 13.04
CA GLN B 405 24.45 16.69 13.33
C GLN B 405 25.11 16.05 14.53
N ILE B 406 26.38 15.73 14.37
CA ILE B 406 27.17 15.21 15.45
C ILE B 406 28.40 16.04 15.74
N LYS B 407 29.00 15.77 16.89
CA LYS B 407 30.28 16.35 17.27
C LYS B 407 31.28 15.23 17.28
N TYR B 408 32.43 15.44 16.66
CA TYR B 408 33.40 14.41 16.57
C TYR B 408 34.75 15.02 16.25
N ALA B 409 35.77 14.57 16.98
CA ALA B 409 37.14 15.09 16.88
C ALA B 409 37.15 16.59 16.68
N GLY B 410 36.48 17.33 17.57
CA GLY B 410 36.48 18.78 17.52
C GLY B 410 35.79 19.43 16.36
N TYR B 411 34.93 18.67 15.68
CA TYR B 411 34.09 19.24 14.64
C TYR B 411 32.62 18.94 14.90
N ARG B 412 31.76 19.84 14.43
CA ARG B 412 30.35 19.57 14.29
C ARG B 412 30.17 19.11 12.84
N ILE B 413 29.60 17.92 12.66
CA ILE B 413 29.47 17.37 11.31
C ILE B 413 28.01 17.08 11.02
N GLU B 414 27.53 17.50 9.88
CA GLU B 414 26.23 17.06 9.38
C GLU B 414 26.45 15.73 8.73
N LEU B 415 25.77 14.68 9.23
CA LEU B 415 25.84 13.35 8.57
C LEU B 415 25.49 13.39 7.07
N GLU B 416 24.57 14.27 6.67
CA GLU B 416 24.22 14.36 5.24
C GLU B 416 25.39 14.77 4.36
N ASP B 417 26.31 15.60 4.90
CA ASP B 417 27.47 16.08 4.15
C ASP B 417 28.53 15.02 3.92
N VAL B 418 28.72 14.13 4.90
CA VAL B 418 29.57 12.98 4.71
C VAL B 418 28.95 12.04 3.69
N SER B 419 27.65 11.85 3.77
CA SER B 419 26.96 10.94 2.88
C SER B 419 27.12 11.36 1.43
N GLN B 420 26.84 12.64 1.17
CA GLN B 420 26.93 13.16 -0.17
C GLN B 420 28.36 13.13 -0.67
N GLN B 421 29.30 13.19 0.25
CA GLN B 421 30.69 13.13 -0.18
C GLN B 421 31.06 11.70 -0.56
N LEU B 422 30.63 10.74 0.26
CA LEU B 422 30.73 9.35 -0.14
C LEU B 422 29.97 9.06 -1.44
N ASN B 423 28.82 9.72 -1.67
CA ASN B 423 28.04 9.55 -2.93
C ASN B 423 28.80 10.00 -4.18
N GLN B 424 29.88 10.74 -3.99
CA GLN B 424 30.72 11.16 -5.11
C GLN B 424 31.52 10.03 -5.75
N SER B 425 31.68 8.90 -5.06
CA SER B 425 32.36 7.76 -5.67
C SER B 425 31.59 7.26 -6.88
N PRO B 426 32.31 6.99 -7.98
CA PRO B 426 31.62 6.44 -9.17
C PRO B 426 31.06 5.07 -8.86
N MET B 427 31.55 4.40 -7.82
CA MET B 427 31.09 3.05 -7.51
C MET B 427 29.84 2.96 -6.59
N VAL B 428 29.44 4.10 -6.01
CA VAL B 428 28.44 4.13 -4.96
C VAL B 428 27.13 4.69 -5.49
N ALA B 429 26.04 3.94 -5.36
CA ALA B 429 24.68 4.45 -5.63
C ALA B 429 24.16 5.29 -4.49
N SER B 430 24.37 4.82 -3.25
CA SER B 430 23.85 5.49 -2.05
C SER B 430 24.70 5.16 -0.81
N ALA B 431 25.08 6.18 -0.08
CA ALA B 431 25.85 6.01 1.11
C ALA B 431 25.21 6.78 2.23
N VAL B 432 25.36 6.30 3.45
CA VAL B 432 24.87 7.04 4.60
C VAL B 432 25.87 6.86 5.72
N ALA B 433 26.53 7.92 6.12
CA ALA B 433 27.44 7.82 7.24
C ALA B 433 26.66 7.89 8.55
N VAL B 434 27.17 7.21 9.56
CA VAL B 434 26.44 7.07 10.79
C VAL B 434 27.49 6.97 11.90
N PRO B 435 27.24 7.58 13.09
CA PRO B 435 28.17 7.53 14.22
C PRO B 435 28.06 6.24 15.03
N ARG B 436 29.17 5.82 15.63
CA ARG B 436 29.11 4.79 16.66
C ARG B 436 29.37 5.47 17.99
N TYR B 437 28.42 5.34 18.90
CA TYR B 437 28.49 5.91 20.25
C TYR B 437 29.06 4.97 21.32
N ASN B 438 29.89 5.52 22.21
CA ASN B 438 30.21 4.83 23.47
C ASN B 438 29.09 5.04 24.48
N LYS B 439 29.22 4.46 25.68
CA LYS B 439 28.24 4.60 26.76
C LYS B 439 27.88 6.06 27.05
N GLU B 440 28.90 6.93 27.01
CA GLU B 440 28.76 8.32 27.38
C GLU B 440 28.19 9.22 26.24
N HIS B 441 27.50 8.60 25.29
CA HIS B 441 26.95 9.26 24.08
C HIS B 441 27.98 10.17 23.43
N LYS B 442 29.18 9.63 23.29
CA LYS B 442 30.27 10.33 22.63
C LYS B 442 30.64 9.52 21.37
N VAL B 443 30.99 10.21 20.28
CA VAL B 443 31.27 9.52 18.98
C VAL B 443 32.67 8.89 18.90
N GLN B 444 32.70 7.56 18.92
CA GLN B 444 33.94 6.78 18.78
C GLN B 444 34.57 6.81 17.39
N ASN B 445 33.76 6.58 16.36
CA ASN B 445 34.18 6.59 14.94
C ASN B 445 32.98 6.73 14.04
N LEU B 446 33.17 6.67 12.74
CA LEU B 446 32.04 6.69 11.83
C LEU B 446 31.97 5.43 11.00
N LEU B 447 30.75 5.06 10.66
CA LEU B 447 30.48 3.94 9.77
C LEU B 447 29.73 4.45 8.61
N ALA B 448 29.78 3.68 7.54
CA ALA B 448 29.06 4.03 6.33
C ALA B 448 28.30 2.82 5.82
N TYR B 449 27.01 3.01 5.54
CA TYR B 449 26.24 2.04 4.78
C TYR B 449 26.36 2.42 3.31
N ILE B 450 26.69 1.43 2.48
CA ILE B 450 27.02 1.64 1.09
C ILE B 450 26.19 0.69 0.20
N VAL B 451 25.32 1.25 -0.63
CA VAL B 451 24.77 0.53 -1.76
C VAL B 451 25.64 0.82 -2.99
N VAL B 452 26.30 -0.20 -3.51
CA VAL B 452 27.09 0.00 -4.72
C VAL B 452 26.16 0.03 -5.94
N LYS B 453 26.62 0.70 -7.00
CA LYS B 453 25.92 0.73 -8.29
C LYS B 453 25.90 -0.65 -8.91
N ASP B 454 24.89 -0.88 -9.74
CA ASP B 454 24.84 -2.04 -10.62
C ASP B 454 26.18 -2.39 -11.27
N GLY B 455 26.54 -3.66 -11.19
CA GLY B 455 27.78 -4.12 -11.79
C GLY B 455 28.99 -4.16 -10.86
N VAL B 456 29.00 -3.29 -9.83
CA VAL B 456 30.22 -3.01 -9.08
C VAL B 456 30.74 -4.22 -8.32
N LYS B 457 29.81 -4.97 -7.73
CA LYS B 457 30.12 -6.18 -6.96
C LYS B 457 31.00 -7.18 -7.71
N GLU B 458 30.61 -7.54 -8.93
CA GLU B 458 31.36 -8.53 -9.71
C GLU B 458 32.64 -7.97 -10.32
N ARG B 459 33.00 -6.74 -10.04
CA ARG B 459 34.35 -6.27 -10.46
C ARG B 459 35.42 -6.50 -9.38
N PHE B 460 35.03 -7.03 -8.23
CA PHE B 460 35.99 -7.26 -7.14
C PHE B 460 35.83 -8.63 -6.55
N ASP B 461 36.95 -9.29 -6.35
CA ASP B 461 36.94 -10.61 -5.75
C ASP B 461 36.43 -10.53 -4.31
N ARG B 462 36.80 -9.48 -3.58
CA ARG B 462 36.32 -9.42 -2.20
C ARG B 462 35.98 -8.02 -1.72
N GLU B 463 35.19 -7.92 -0.66
CA GLU B 463 34.79 -6.62 -0.12
C GLU B 463 35.93 -5.77 0.33
N LEU B 464 36.95 -6.41 0.85
CA LEU B 464 38.11 -5.71 1.27
C LEU B 464 38.64 -4.82 0.17
N GLU B 465 38.82 -5.36 -1.04
CA GLU B 465 39.35 -4.59 -2.17
C GLU B 465 38.33 -3.56 -2.63
N LEU B 466 37.06 -3.91 -2.55
CA LEU B 466 36.03 -2.96 -2.90
C LEU B 466 36.01 -1.74 -1.95
N THR B 467 36.21 -1.96 -0.66
CA THR B 467 36.27 -0.88 0.32
C THR B 467 37.48 0.01 0.05
N LYS B 468 38.68 -0.58 -0.15
CA LYS B 468 39.88 0.24 -0.48
C LYS B 468 39.70 1.00 -1.78
N ALA B 469 39.06 0.40 -2.77
CA ALA B 469 38.83 1.13 -4.02
C ALA B 469 37.84 2.30 -3.86
N ILE B 470 36.77 2.13 -3.11
CA ILE B 470 35.86 3.24 -2.89
C ILE B 470 36.54 4.35 -2.09
N LYS B 471 37.23 3.97 -1.04
CA LYS B 471 37.88 4.95 -0.20
C LYS B 471 38.85 5.71 -1.05
N ALA B 472 39.60 5.02 -1.91
CA ALA B 472 40.65 5.71 -2.67
C ALA B 472 40.05 6.70 -3.66
N SER B 473 38.86 6.38 -4.13
CA SER B 473 38.18 7.21 -5.10
C SER B 473 37.63 8.52 -4.50
N VAL B 474 37.51 8.57 -3.17
CA VAL B 474 37.02 9.77 -2.52
C VAL B 474 38.03 10.34 -1.54
N LYS B 475 39.07 9.59 -1.21
CA LYS B 475 40.02 9.97 -0.16
C LYS B 475 40.50 11.41 -0.27
N ASP B 476 40.70 11.86 -1.51
CA ASP B 476 41.35 13.16 -1.70
C ASP B 476 40.39 14.36 -1.87
N HIS B 477 39.14 14.17 -1.47
CA HIS B 477 38.27 15.31 -1.33
C HIS B 477 37.52 15.36 0.01
N MET B 478 37.93 14.51 0.95
CA MET B 478 37.33 14.44 2.29
C MET B 478 38.46 14.61 3.29
N MET B 479 38.16 15.14 4.47
CA MET B 479 39.19 15.22 5.51
C MET B 479 39.20 13.95 6.34
N SER B 480 40.39 13.55 6.77
CA SER B 480 40.59 12.23 7.40
C SER B 480 39.60 11.87 8.51
N TYR B 481 39.20 12.85 9.30
CA TYR B 481 38.25 12.65 10.38
C TYR B 481 36.90 12.22 9.82
N MET B 482 36.55 12.82 8.69
CA MET B 482 35.33 12.56 7.94
C MET B 482 35.21 11.11 7.44
N MET B 483 36.32 10.44 7.13
CA MET B 483 36.23 9.13 6.46
C MET B 483 35.80 8.04 7.43
N PRO B 484 34.70 7.33 7.13
CA PRO B 484 34.32 6.23 8.02
C PRO B 484 35.37 5.12 7.93
N SER B 485 35.70 4.51 9.06
CA SER B 485 36.70 3.47 9.05
C SER B 485 36.07 2.15 8.60
N LYS B 486 34.80 1.93 8.94
CA LYS B 486 34.09 0.69 8.52
C LYS B 486 32.94 0.90 7.51
N PHE B 487 32.94 0.11 6.44
CA PHE B 487 31.90 0.15 5.42
C PHE B 487 31.02 -1.09 5.54
N LEU B 488 29.71 -0.90 5.49
CA LEU B 488 28.81 -2.00 5.54
C LEU B 488 28.02 -2.02 4.23
N TYR B 489 28.07 -3.11 3.46
CA TYR B 489 27.35 -3.19 2.19
C TYR B 489 25.91 -3.72 2.35
N ARG B 490 25.00 -3.10 1.62
CA ARG B 490 23.59 -3.41 1.68
C ARG B 490 23.06 -3.32 0.27
N ASP B 491 21.92 -3.96 0.03
CA ASP B 491 21.29 -3.89 -1.30
C ASP B 491 20.30 -2.75 -1.37
N SER B 492 19.72 -2.38 -0.22
CA SER B 492 18.86 -1.20 -0.08
C SER B 492 18.83 -0.64 1.36
N LEU B 493 18.18 0.52 1.50
CA LEU B 493 18.16 1.29 2.75
C LEU B 493 16.73 1.66 3.12
N PRO B 494 16.41 1.70 4.42
CA PRO B 494 15.09 2.06 4.90
C PRO B 494 14.78 3.47 4.50
N LEU B 495 13.50 3.79 4.40
CA LEU B 495 13.05 5.08 3.96
C LEU B 495 11.93 5.50 4.91
N THR B 496 11.90 6.78 5.26
CA THR B 496 10.78 7.36 6.04
C THR B 496 9.70 7.77 5.03
N PRO B 497 8.48 8.10 5.48
CA PRO B 497 7.38 8.45 4.58
C PRO B 497 7.66 9.60 3.63
N ASN B 498 8.48 10.56 4.06
CA ASN B 498 8.85 11.70 3.22
C ASN B 498 9.68 11.32 2.01
N GLY B 499 10.14 10.06 1.98
CA GLY B 499 10.87 9.52 0.85
C GLY B 499 12.37 9.52 0.98
N LYS B 500 12.88 10.10 2.06
CA LYS B 500 14.31 10.11 2.33
C LYS B 500 14.79 8.87 3.08
N ILE B 501 16.08 8.63 3.01
CA ILE B 501 16.74 7.61 3.81
C ILE B 501 16.46 7.79 5.32
N ASP B 502 16.18 6.68 5.98
CA ASP B 502 15.83 6.67 7.41
C ASP B 502 17.12 6.54 8.23
N ILE B 503 17.80 7.67 8.32
CA ILE B 503 19.05 7.81 9.00
C ILE B 503 18.92 7.33 10.45
N LYS B 504 17.84 7.73 11.10
CA LYS B 504 17.61 7.42 12.51
C LYS B 504 17.62 5.91 12.79
N THR B 505 16.83 5.17 12.02
CA THR B 505 16.87 3.71 12.03
C THR B 505 18.25 3.12 11.75
N LEU B 506 18.98 3.73 10.82
CA LEU B 506 20.36 3.31 10.56
C LEU B 506 21.27 3.59 11.77
N ILE B 507 21.07 4.72 12.45
CA ILE B 507 21.83 5.00 13.69
C ILE B 507 21.56 3.96 14.78
N ASN B 508 20.30 3.54 14.94
CA ASN B 508 20.00 2.57 15.99
C ASN B 508 20.60 1.18 15.69
N GLU B 509 20.68 0.83 14.40
CA GLU B 509 21.16 -0.48 14.01
C GLU B 509 22.60 -0.66 14.38
N VAL B 510 23.33 0.44 14.37
CA VAL B 510 24.76 0.39 14.53
C VAL B 510 25.15 0.50 16.00
N ASN B 511 24.24 1.05 16.81
CA ASN B 511 24.44 1.18 18.24
C ASN B 511 23.65 0.14 19.06
#